data_8EDO
#
_entry.id   8EDO
#
_entity_poly.entity_id   1
_entity_poly.type   'polypeptide(L)'
_entity_poly.pdbx_seq_one_letter_code
;NKMVEYLTDWVMGTSNQAADDDVKCLTRDLDQASMEAVVSLLAGLPLQPEEGDGVELMEAKSQLFLKYFTLFMNLLNDCS
EVEDESAQTGGRKRGMSRRLASLRHCTVLAMSNLLNANVDSGLMHSIGLGYHKDLQTRATFMEVLTKILQQGTEFDTLAE
TVLADRFERLVELVTMMGDQGELPIAMALANVVPCSQWDELARVLVTLFDSRHLLYQLLWNMFSKEVELADSMQTLFRGN
SLASKIMTFCFKVYGATYLQKLLDPLLRIVITSSDWQHVSFEVDPTRLEPSESLEENQRNLLQMTEKFFHAIISSSSEFP
PQLRSVCHCLYQATCHSLLNKATVKEKKENKKSVVSQRFPQNSIGAVGSAMFLRFINPAIVSPYEAGILDKKPPPRIERG
LKLMSKILQSIANHVLFTKEEHMRPFNDFVKSNFDAARRFFLDIASDCPTSDAVNHSLSFISDGNVLALHRLLWNNQEKI
GQYLSSNRDHKAVGRRPFDKMATLLAYLGPPEHKPVADTHWSSLNLTSSKFEEFMTRHQVHEKEEFKALKTLSIFYQAGT
SKAGNPIFYYVARRFKTGQINGDLLIYHVLLTLKPYYAKPYEIVVDLTHTGPSNRFKTDFLSKWFVVFPGFAYDNVSAVY
IYNCNSWVREYTKYHERLLTGLKGSKRLVFIDCPGKLAEHIEHEQQKLPAATLALEEDLKVFHNALKLAHKDTKVSIKVG
STAVQVTSAERTKVLGQSVFLNDIYYASEIEEICLVDENQFTLTIANQGTPLTFMHQECEAIVQSIIHIRTRWELSQPDS
IPQHTKIRPKDVPGTLLNIALLNLGSSDPSLRSAAYNLLCALTCTFNLKIEGQLLETSGLCIPANNTLFIVSISKTLAAN
EPHLTLEFLEECISGFSKSSIELKHLCLEYMTPWLSNLVRFCKHNDDAKRQRVTAILDKLITMTINEKQMYPSIQAKIWG
SLGQITDLLDVVLDSFIKTSATGGLGSIKAEVMADTAVALASGNVKLVSSKVIGRMCKIIDKTCLSPTPTLEQHLMWDDI
AILARYMLMLSFNNSLDVAAHLPYLFHVVTFLVATGPLSLRASTHGLVINIIHSLCTCSQLHFSEETKQVLRLSLTEFSL
PKFYLLFGISKVKSAAVIAFRSSYRDRSFSPGSYERETFALTSLETVTEALLEIMEACMRDIPTCKWLDQWTELAQRFAF
QYNPSLQPRALVVFGCISKRVSHGQIKQIIRILSKALESCLKGPDTYNSQVLIEATVIALTKLQ
;
_entity_poly.pdbx_strand_id   A,B
#
# COMPACT_ATOMS: atom_id res chain seq x y z
N ASN A 1 16.83 -1.66 39.71
CA ASN A 1 15.54 -1.06 39.39
C ASN A 1 15.24 0.14 40.30
N LYS A 2 16.02 0.28 41.37
CA LYS A 2 15.77 1.35 42.33
C LYS A 2 16.07 2.71 41.74
N MET A 3 17.21 2.85 41.05
CA MET A 3 17.59 4.14 40.50
C MET A 3 16.69 4.58 39.34
N VAL A 4 15.87 3.67 38.81
CA VAL A 4 14.95 4.05 37.74
C VAL A 4 13.95 5.07 38.26
N GLU A 5 13.44 4.87 39.46
CA GLU A 5 12.47 5.80 40.04
C GLU A 5 13.08 7.17 40.29
N TYR A 6 14.41 7.26 40.39
CA TYR A 6 15.09 8.55 40.57
C TYR A 6 15.31 9.27 39.25
N LEU A 7 16.01 8.63 38.32
CA LEU A 7 16.28 9.27 37.04
C LEU A 7 15.01 9.47 36.21
N THR A 8 13.95 8.71 36.49
CA THR A 8 12.66 9.02 35.88
C THR A 8 12.15 10.37 36.36
N ASP A 9 12.30 10.66 37.65
CA ASP A 9 11.97 11.99 38.15
C ASP A 9 12.89 13.04 37.54
N TRP A 10 14.18 12.70 37.40
CA TRP A 10 15.11 13.61 36.73
C TRP A 10 14.70 13.84 35.29
N VAL A 11 14.28 12.78 34.60
CA VAL A 11 13.90 12.89 33.20
C VAL A 11 12.64 13.73 33.10
N MET A 12 12.66 14.71 32.18
CA MET A 12 11.53 15.60 31.95
C MET A 12 11.17 16.36 33.22
N GLY A 13 12.17 16.61 34.05
CA GLY A 13 11.96 17.47 35.20
C GLY A 13 11.76 18.92 34.81
N THR A 14 12.29 19.32 33.65
CA THR A 14 12.14 20.66 33.11
C THR A 14 11.85 20.59 31.61
N SER A 15 10.93 19.70 31.23
CA SER A 15 10.53 19.61 29.82
C SER A 15 9.76 20.84 29.38
N ASN A 16 9.15 21.58 30.32
CA ASN A 16 8.49 22.83 30.02
C ASN A 16 8.95 23.99 30.89
N GLN A 17 10.01 23.80 31.68
CA GLN A 17 10.52 24.84 32.57
C GLN A 17 11.64 25.67 31.96
N ALA A 18 12.01 25.41 30.71
CA ALA A 18 13.06 26.17 30.05
C ALA A 18 12.62 27.61 29.82
N ALA A 19 13.57 28.54 29.90
CA ALA A 19 13.29 29.96 29.74
C ALA A 19 14.28 30.69 28.83
N ASP A 20 15.42 30.08 28.52
CA ASP A 20 16.45 30.72 27.70
C ASP A 20 16.91 29.76 26.62
N ASP A 21 17.33 30.34 25.48
CA ASP A 21 17.77 29.53 24.36
C ASP A 21 18.99 28.70 24.72
N ASP A 22 20.00 29.32 25.34
CA ASP A 22 21.15 28.57 25.83
C ASP A 22 20.73 27.58 26.90
N VAL A 23 19.86 28.00 27.82
CA VAL A 23 19.35 27.10 28.85
C VAL A 23 18.56 25.96 28.20
N LYS A 24 17.74 26.28 27.20
CA LYS A 24 16.95 25.25 26.55
C LYS A 24 17.85 24.22 25.86
N CYS A 25 18.88 24.69 25.16
CA CYS A 25 19.78 23.75 24.49
C CYS A 25 20.55 22.90 25.49
N LEU A 26 21.04 23.52 26.57
CA LEU A 26 21.78 22.75 27.58
C LEU A 26 20.89 21.72 28.25
N THR A 27 19.65 22.11 28.58
CA THR A 27 18.71 21.17 29.18
C THR A 27 18.36 20.06 28.21
N ARG A 28 18.22 20.38 26.92
CA ARG A 28 17.95 19.35 25.93
C ARG A 28 19.09 18.36 25.82
N ASP A 29 20.33 18.85 25.84
CA ASP A 29 21.48 17.96 25.81
C ASP A 29 21.54 17.09 27.06
N LEU A 30 21.27 17.69 28.22
CA LEU A 30 21.25 16.91 29.45
C LEU A 30 20.16 15.85 29.40
N ASP A 31 18.99 16.20 28.87
CA ASP A 31 17.91 15.24 28.75
C ASP A 31 18.29 14.11 27.80
N GLN A 32 18.97 14.45 26.70
CA GLN A 32 19.42 13.42 25.76
C GLN A 32 20.39 12.46 26.44
N ALA A 33 21.33 13.00 27.21
CA ALA A 33 22.29 12.14 27.91
C ALA A 33 21.59 11.29 28.97
N SER A 34 20.68 11.88 29.74
CA SER A 34 19.97 11.13 30.77
C SER A 34 19.08 10.05 30.15
N MET A 35 18.45 10.37 29.02
CA MET A 35 17.65 9.38 28.31
C MET A 35 18.52 8.24 27.81
N GLU A 36 19.71 8.57 27.31
CA GLU A 36 20.63 7.51 26.90
C GLU A 36 21.01 6.63 28.08
N ALA A 37 21.29 7.25 29.23
CA ALA A 37 21.66 6.48 30.41
C ALA A 37 20.52 5.57 30.85
N VAL A 38 19.29 6.10 30.85
CA VAL A 38 18.14 5.31 31.29
C VAL A 38 17.87 4.19 30.30
N VAL A 39 18.02 4.46 29.00
CA VAL A 39 17.81 3.42 27.99
C VAL A 39 18.82 2.31 28.17
N SER A 40 20.08 2.66 28.40
CA SER A 40 21.10 1.64 28.61
C SER A 40 20.84 0.86 29.89
N LEU A 41 20.39 1.54 30.95
CA LEU A 41 20.18 0.87 32.23
C LEU A 41 18.98 -0.08 32.17
N LEU A 42 17.92 0.31 31.48
CA LEU A 42 16.73 -0.51 31.41
C LEU A 42 16.84 -1.65 30.41
N ALA A 43 17.91 -1.70 29.63
CA ALA A 43 18.03 -2.72 28.59
C ALA A 43 18.14 -4.10 29.22
N GLY A 44 17.05 -4.86 29.15
CA GLY A 44 17.00 -6.18 29.76
C GLY A 44 16.68 -6.19 31.24
N LEU A 45 16.44 -5.03 31.85
CA LEU A 45 16.25 -4.98 33.29
C LEU A 45 14.88 -5.54 33.66
N PRO A 46 14.82 -6.57 34.49
CA PRO A 46 13.50 -7.04 34.95
C PRO A 46 12.82 -5.98 35.79
N LEU A 47 11.50 -5.95 35.71
CA LEU A 47 10.70 -5.00 36.47
C LEU A 47 10.24 -5.69 37.75
N GLN A 48 11.02 -5.52 38.82
CA GLN A 48 10.72 -6.14 40.10
C GLN A 48 10.39 -5.03 41.09
N PRO A 49 9.12 -4.81 41.42
CA PRO A 49 8.79 -3.74 42.36
C PRO A 49 9.36 -4.01 43.74
N GLU A 50 9.66 -2.93 44.45
CA GLU A 50 10.07 -3.06 45.85
C GLU A 50 8.92 -3.65 46.65
N GLU A 51 9.26 -4.43 47.67
CA GLU A 51 8.26 -5.12 48.48
C GLU A 51 7.26 -4.13 49.05
N GLY A 52 6.00 -4.29 48.67
CA GLY A 52 4.94 -3.36 49.00
C GLY A 52 4.20 -3.73 50.27
N ASP A 53 2.95 -3.26 50.34
CA ASP A 53 2.13 -3.42 51.54
C ASP A 53 1.32 -4.72 51.47
N GLY A 54 2.05 -5.82 51.41
CA GLY A 54 1.42 -7.13 51.26
C GLY A 54 0.64 -7.28 49.98
N VAL A 55 1.19 -6.76 48.88
CA VAL A 55 0.51 -6.72 47.59
C VAL A 55 0.96 -7.90 46.75
N GLU A 56 0.10 -8.29 45.81
CA GLU A 56 0.48 -9.26 44.81
C GLU A 56 1.46 -8.64 43.81
N LEU A 57 2.24 -9.49 43.16
CA LEU A 57 3.22 -9.00 42.19
C LEU A 57 2.55 -8.28 41.03
N MET A 58 1.37 -8.74 40.63
CA MET A 58 0.70 -8.17 39.47
C MET A 58 0.40 -6.69 39.68
N GLU A 59 -0.15 -6.34 40.85
CA GLU A 59 -0.56 -4.95 41.08
C GLU A 59 0.64 -4.02 41.17
N ALA A 60 1.67 -4.42 41.91
CA ALA A 60 2.87 -3.59 42.03
C ALA A 60 3.56 -3.42 40.68
N LYS A 61 3.67 -4.51 39.92
CA LYS A 61 4.29 -4.41 38.61
C LYS A 61 3.49 -3.49 37.69
N SER A 62 2.17 -3.61 37.70
CA SER A 62 1.35 -2.75 36.87
C SER A 62 1.50 -1.30 37.26
N GLN A 63 1.51 -1.01 38.57
CA GLN A 63 1.65 0.37 39.02
C GLN A 63 2.98 0.95 38.58
N LEU A 64 4.08 0.23 38.81
CA LEU A 64 5.40 0.76 38.46
C LEU A 64 5.53 0.94 36.95
N PHE A 65 5.11 -0.08 36.19
CA PHE A 65 5.18 -0.01 34.74
C PHE A 65 4.38 1.17 34.22
N LEU A 66 3.17 1.35 34.74
CA LEU A 66 2.32 2.43 34.29
C LEU A 66 2.94 3.78 34.62
N LYS A 67 3.54 3.90 35.82
CA LYS A 67 4.21 5.15 36.16
C LYS A 67 5.28 5.48 35.13
N TYR A 68 6.17 4.52 34.85
CA TYR A 68 7.24 4.80 33.89
C TYR A 68 6.69 5.05 32.49
N PHE A 69 5.69 4.27 32.06
CA PHE A 69 5.17 4.41 30.71
C PHE A 69 4.50 5.75 30.51
N THR A 70 3.70 6.19 31.48
CA THR A 70 3.07 7.50 31.38
C THR A 70 4.09 8.62 31.46
N LEU A 71 5.13 8.46 32.29
CA LEU A 71 6.17 9.49 32.31
C LEU A 71 6.84 9.61 30.95
N PHE A 72 7.19 8.48 30.34
CA PHE A 72 7.86 8.49 29.05
C PHE A 72 6.95 9.03 27.95
N MET A 73 5.67 8.66 27.98
CA MET A 73 4.74 9.15 26.97
C MET A 73 4.48 10.64 27.13
N ASN A 74 4.40 11.13 28.37
CA ASN A 74 4.29 12.57 28.57
C ASN A 74 5.52 13.28 28.05
N LEU A 75 6.70 12.70 28.24
CA LEU A 75 7.92 13.32 27.72
C LEU A 75 7.90 13.36 26.20
N LEU A 76 7.53 12.25 25.56
CA LEU A 76 7.63 12.16 24.11
C LEU A 76 6.54 12.97 23.42
N ASN A 77 5.30 12.86 23.89
CA ASN A 77 4.20 13.57 23.25
C ASN A 77 4.38 15.08 23.34
N ASP A 78 5.08 15.55 24.37
CA ASP A 78 5.50 16.93 24.44
C ASP A 78 6.76 17.20 23.64
N CYS A 79 7.46 16.17 23.20
CA CYS A 79 8.74 16.33 22.52
C CYS A 79 8.61 16.54 21.01
N SER A 80 7.40 16.47 20.47
CA SER A 80 7.19 16.73 19.05
C SER A 80 6.67 18.15 18.85
N GLU A 81 6.58 18.56 17.58
CA GLU A 81 6.15 19.90 17.18
C GLU A 81 7.00 20.99 17.83
N MET A 96 18.11 23.26 21.02
CA MET A 96 16.87 22.54 21.28
C MET A 96 16.21 22.11 19.97
N SER A 97 16.34 22.95 18.95
CA SER A 97 15.73 22.65 17.65
C SER A 97 16.33 21.39 17.04
N ARG A 98 17.65 21.22 17.13
CA ARG A 98 18.28 20.00 16.65
C ARG A 98 18.04 18.82 17.59
N ARG A 99 17.79 19.07 18.86
CA ARG A 99 17.62 17.99 19.82
C ARG A 99 16.27 17.30 19.67
N LEU A 100 15.35 17.90 18.92
CA LEU A 100 13.97 17.39 18.90
C LEU A 100 13.90 15.99 18.34
N ALA A 101 14.80 15.62 17.43
CA ALA A 101 14.77 14.29 16.83
C ALA A 101 15.56 13.27 17.65
N SER A 102 16.77 13.64 18.08
CA SER A 102 17.59 12.72 18.85
C SER A 102 16.90 12.37 20.17
N LEU A 103 16.33 13.37 20.84
CA LEU A 103 15.64 13.12 22.10
C LEU A 103 14.43 12.20 21.90
N ARG A 104 13.68 12.43 20.83
CA ARG A 104 12.52 11.58 20.56
C ARG A 104 12.96 10.14 20.31
N HIS A 105 14.02 9.95 19.53
CA HIS A 105 14.49 8.60 19.28
C HIS A 105 15.02 7.94 20.55
N CYS A 106 15.72 8.70 21.39
CA CYS A 106 16.21 8.15 22.65
C CYS A 106 15.07 7.72 23.55
N THR A 107 14.03 8.55 23.63
CA THR A 107 12.88 8.20 24.46
C THR A 107 12.20 6.94 23.94
N VAL A 108 12.01 6.84 22.63
CA VAL A 108 11.31 5.66 22.11
C VAL A 108 12.18 4.41 22.24
N LEU A 109 13.50 4.55 22.11
CA LEU A 109 14.38 3.40 22.35
C LEU A 109 14.29 2.94 23.79
N ALA A 110 14.26 3.89 24.73
CA ALA A 110 14.10 3.53 26.14
C ALA A 110 12.77 2.83 26.38
N MET A 111 11.70 3.33 25.77
CA MET A 111 10.39 2.69 25.94
C MET A 111 10.40 1.27 25.37
N SER A 112 11.04 1.08 24.23
CA SER A 112 11.15 -0.25 23.64
C SER A 112 11.94 -1.19 24.55
N ASN A 113 13.06 -0.71 25.11
CA ASN A 113 13.86 -1.55 25.99
C ASN A 113 13.14 -1.88 27.27
N LEU A 114 12.31 -0.96 27.77
CA LEU A 114 11.45 -1.27 28.91
C LEU A 114 10.42 -2.33 28.55
N LEU A 115 9.74 -2.17 27.42
CA LEU A 115 8.65 -3.06 27.07
C LEU A 115 9.14 -4.47 26.79
N ASN A 116 10.25 -4.60 26.05
CA ASN A 116 10.74 -5.91 25.67
C ASN A 116 11.13 -6.73 26.89
N ALA A 117 11.59 -6.06 27.95
CA ALA A 117 12.03 -6.78 29.15
C ALA A 117 10.88 -7.51 29.82
N ASN A 118 9.71 -6.88 29.90
CA ASN A 118 8.58 -7.42 30.65
C ASN A 118 7.46 -7.77 29.67
N VAL A 119 7.17 -9.06 29.54
CA VAL A 119 6.18 -9.50 28.56
C VAL A 119 4.77 -9.41 29.12
N ASP A 120 4.48 -10.12 30.21
CA ASP A 120 3.19 -10.00 30.86
C ASP A 120 3.20 -8.95 31.97
N SER A 121 3.78 -7.81 31.66
CA SER A 121 3.67 -6.61 32.50
C SER A 121 3.66 -5.37 31.62
N GLY A 122 3.59 -5.55 30.30
CA GLY A 122 3.77 -4.51 29.31
C GLY A 122 2.52 -4.20 28.51
N LEU A 123 2.39 -4.90 27.38
CA LEU A 123 1.46 -4.59 26.29
C LEU A 123 0.08 -4.16 26.77
N MET A 124 -0.36 -4.61 27.95
CA MET A 124 -1.65 -4.20 28.47
C MET A 124 -1.80 -2.68 28.44
N HIS A 125 -0.79 -1.96 28.90
CA HIS A 125 -0.83 -0.51 28.90
C HIS A 125 -0.12 0.10 27.70
N SER A 126 0.46 -0.73 26.82
CA SER A 126 1.18 -0.23 25.66
C SER A 126 0.42 -0.37 24.36
N ILE A 127 -0.70 -1.10 24.37
CA ILE A 127 -1.47 -1.32 23.15
C ILE A 127 -2.02 -0.02 22.60
N GLY A 128 -2.11 1.01 23.43
CA GLY A 128 -2.56 2.31 22.98
C GLY A 128 -1.55 3.12 22.21
N LEU A 129 -0.31 2.65 22.12
CA LEU A 129 0.68 3.33 21.30
C LEU A 129 0.62 2.91 19.84
N GLY A 130 -0.09 1.82 19.53
CA GLY A 130 -0.18 1.38 18.15
C GLY A 130 -0.92 2.34 17.26
N TYR A 131 -2.06 2.86 17.75
CA TYR A 131 -2.79 3.85 16.98
C TYR A 131 -2.11 5.22 17.01
N HIS A 132 -1.68 5.65 18.19
CA HIS A 132 -0.98 6.91 18.46
C HIS A 132 -1.37 8.06 17.53
N LYS A 133 -0.45 9.00 17.34
CA LYS A 133 -0.63 10.12 16.42
C LYS A 133 0.68 10.31 15.66
N ASP A 134 1.77 9.84 16.26
CA ASP A 134 3.10 9.87 15.68
C ASP A 134 3.35 8.53 15.01
N LEU A 135 3.28 8.51 13.68
CA LEU A 135 3.44 7.26 12.96
C LEU A 135 4.82 6.67 13.17
N GLN A 136 5.82 7.52 13.42
CA GLN A 136 7.15 7.03 13.77
C GLN A 136 7.10 6.26 15.08
N THR A 137 6.31 6.72 16.03
CA THR A 137 6.15 6.00 17.29
C THR A 137 5.50 4.64 17.05
N ARG A 138 4.46 4.61 16.22
CA ARG A 138 3.75 3.35 15.95
C ARG A 138 4.66 2.36 15.24
N ALA A 139 5.45 2.83 14.28
CA ALA A 139 6.35 1.95 13.55
C ALA A 139 7.29 1.21 14.50
N THR A 140 7.89 1.95 15.43
CA THR A 140 8.76 1.33 16.42
C THR A 140 8.00 0.36 17.30
N PHE A 141 6.75 0.70 17.63
CA PHE A 141 5.96 -0.18 18.48
C PHE A 141 5.70 -1.53 17.82
N MET A 142 5.35 -1.52 16.53
CA MET A 142 5.14 -2.79 15.84
C MET A 142 6.43 -3.52 15.55
N GLU A 143 7.54 -2.79 15.39
CA GLU A 143 8.84 -3.47 15.34
C GLU A 143 9.12 -4.20 16.64
N VAL A 144 8.77 -3.58 17.77
CA VAL A 144 9.01 -4.19 19.06
C VAL A 144 8.15 -5.43 19.24
N LEU A 145 6.85 -5.32 18.92
CA LEU A 145 5.96 -6.47 19.10
C LEU A 145 6.40 -7.65 18.27
N THR A 146 6.98 -7.40 17.10
CA THR A 146 7.44 -8.48 16.23
C THR A 146 8.53 -9.30 16.93
N LYS A 147 9.48 -8.61 17.57
CA LYS A 147 10.51 -9.27 18.34
C LYS A 147 9.91 -10.10 19.47
N ILE A 148 8.95 -9.53 20.18
CA ILE A 148 8.38 -10.16 21.37
C ILE A 148 7.67 -11.44 20.96
N LEU A 149 6.87 -11.39 19.91
CA LEU A 149 6.13 -12.58 19.48
C LEU A 149 7.03 -13.67 18.94
N GLN A 150 8.30 -13.36 18.67
CA GLN A 150 9.26 -14.35 18.21
C GLN A 150 10.06 -14.97 19.36
N GLN A 151 9.78 -14.58 20.60
CA GLN A 151 10.44 -15.15 21.76
C GLN A 151 9.72 -16.43 22.17
N GLY A 152 10.05 -17.51 21.47
CA GLY A 152 9.45 -18.80 21.72
C GLY A 152 9.73 -19.37 23.09
N ILE A 807 -1.95 -9.90 30.38
CA ILE A 807 -2.81 -10.33 29.27
C ILE A 807 -2.21 -11.56 28.61
N ARG A 808 -3.00 -12.64 28.55
CA ARG A 808 -2.55 -13.87 27.93
C ARG A 808 -2.50 -13.74 26.41
N PRO A 809 -1.58 -14.45 25.74
CA PRO A 809 -1.44 -14.28 24.29
C PRO A 809 -2.58 -14.89 23.49
N LYS A 810 -3.69 -15.17 24.16
CA LYS A 810 -4.92 -15.56 23.48
C LYS A 810 -5.74 -14.35 23.06
N ASP A 811 -6.00 -13.43 24.01
CA ASP A 811 -6.72 -12.21 23.67
C ASP A 811 -5.85 -11.22 22.89
N VAL A 812 -4.54 -11.39 22.95
CA VAL A 812 -3.61 -10.53 22.22
C VAL A 812 -3.78 -10.79 20.73
N PRO A 813 -4.27 -11.96 20.32
CA PRO A 813 -4.36 -12.27 18.89
C PRO A 813 -5.15 -11.25 18.09
N GLY A 814 -6.45 -11.11 18.39
CA GLY A 814 -7.28 -10.17 17.66
C GLY A 814 -6.87 -8.73 17.86
N THR A 815 -6.46 -8.39 19.09
CA THR A 815 -6.06 -7.01 19.38
C THR A 815 -4.86 -6.61 18.54
N LEU A 816 -3.91 -7.51 18.33
CA LEU A 816 -2.78 -7.22 17.47
C LEU A 816 -3.13 -7.29 15.98
N LEU A 817 -4.00 -8.21 15.60
CA LEU A 817 -4.40 -8.30 14.20
C LEU A 817 -5.05 -7.02 13.74
N ASN A 818 -5.92 -6.44 14.56
CA ASN A 818 -6.54 -5.18 14.19
C ASN A 818 -5.51 -4.09 13.99
N ILE A 819 -4.52 -4.00 14.88
CA ILE A 819 -3.51 -2.96 14.79
C ILE A 819 -2.69 -3.13 13.51
N ALA A 820 -2.28 -4.36 13.21
CA ALA A 820 -1.47 -4.59 12.01
C ALA A 820 -2.25 -4.30 10.74
N LEU A 821 -3.47 -4.81 10.64
CA LEU A 821 -4.28 -4.57 9.45
C LEU A 821 -4.58 -3.09 9.27
N LEU A 822 -4.89 -2.39 10.36
CA LEU A 822 -5.13 -0.96 10.23
C LEU A 822 -3.88 -0.22 9.79
N ASN A 823 -2.73 -0.61 10.32
CA ASN A 823 -1.51 0.15 10.04
C ASN A 823 -0.88 -0.19 8.70
N LEU A 824 -1.27 -1.28 8.04
CA LEU A 824 -0.82 -1.48 6.66
C LEU A 824 -1.23 -0.32 5.76
N GLY A 825 -2.49 0.08 5.83
CA GLY A 825 -2.99 1.10 4.94
C GLY A 825 -2.69 2.52 5.37
N SER A 826 -1.51 2.72 5.95
CA SER A 826 -1.12 4.04 6.43
C SER A 826 -0.65 4.92 5.27
N SER A 827 -0.08 6.06 5.62
CA SER A 827 0.42 7.02 4.64
C SER A 827 1.93 7.21 4.71
N ASP A 828 2.63 6.37 5.46
CA ASP A 828 4.06 6.40 5.56
C ASP A 828 4.64 5.06 5.14
N PRO A 829 5.58 5.01 4.20
CA PRO A 829 6.08 3.70 3.75
C PRO A 829 6.68 2.86 4.86
N SER A 830 7.38 3.50 5.81
CA SER A 830 7.96 2.77 6.93
C SER A 830 6.88 2.11 7.76
N LEU A 831 5.77 2.83 7.98
CA LEU A 831 4.67 2.30 8.77
C LEU A 831 4.09 1.06 8.12
N ARG A 832 3.90 1.09 6.81
CA ARG A 832 3.35 -0.07 6.12
C ARG A 832 4.31 -1.25 6.21
N SER A 833 5.61 -0.99 6.07
CA SER A 833 6.58 -2.08 6.16
C SER A 833 6.56 -2.72 7.53
N ALA A 834 6.49 -1.89 8.58
CA ALA A 834 6.41 -2.42 9.94
C ALA A 834 5.16 -3.25 10.14
N ALA A 835 4.02 -2.76 9.63
CA ALA A 835 2.77 -3.49 9.76
C ALA A 835 2.81 -4.82 9.02
N TYR A 836 3.43 -4.84 7.84
CA TYR A 836 3.55 -6.08 7.09
C TYR A 836 4.39 -7.10 7.86
N ASN A 837 5.51 -6.66 8.42
CA ASN A 837 6.35 -7.57 9.20
C ASN A 837 5.59 -8.08 10.42
N LEU A 838 4.76 -7.20 11.02
CA LEU A 838 3.95 -7.63 12.15
C LEU A 838 2.95 -8.72 11.75
N LEU A 839 2.27 -8.55 10.62
CA LEU A 839 1.38 -9.63 10.18
C LEU A 839 2.15 -10.91 9.92
N CYS A 840 3.35 -10.80 9.34
CA CYS A 840 4.14 -12.01 9.11
C CYS A 840 4.39 -12.73 10.42
N ALA A 841 4.82 -11.98 11.45
CA ALA A 841 5.08 -12.59 12.75
C ALA A 841 3.82 -13.19 13.36
N LEU A 842 2.70 -12.45 13.29
CA LEU A 842 1.47 -12.92 13.92
C LEU A 842 0.93 -14.15 13.24
N THR A 843 0.96 -14.20 11.92
CA THR A 843 0.52 -15.40 11.21
C THR A 843 1.44 -16.57 11.51
N CYS A 844 2.75 -16.32 11.59
CA CYS A 844 3.67 -17.42 11.86
C CYS A 844 3.46 -17.98 13.27
N THR A 845 3.35 -17.10 14.27
CA THR A 845 3.22 -17.56 15.65
C THR A 845 1.86 -18.18 15.91
N PHE A 846 0.79 -17.51 15.48
CA PHE A 846 -0.57 -17.92 15.80
C PHE A 846 -1.18 -18.83 14.75
N ASN A 847 -0.46 -19.14 13.68
CA ASN A 847 -0.86 -20.16 12.72
C ASN A 847 -2.26 -19.88 12.17
N LEU A 848 -2.39 -18.72 11.55
CA LEU A 848 -3.66 -18.27 10.97
C LEU A 848 -3.72 -18.72 9.52
N LYS A 849 -4.86 -19.29 9.13
CA LYS A 849 -4.97 -19.89 7.80
C LYS A 849 -5.09 -18.80 6.73
N ILE A 850 -4.03 -18.01 6.58
CA ILE A 850 -3.97 -16.95 5.58
C ILE A 850 -3.14 -17.48 4.42
N GLU A 851 -3.20 -18.80 4.22
CA GLU A 851 -2.47 -19.63 3.25
C GLU A 851 -0.95 -19.45 3.33
N GLY A 852 -0.44 -18.72 4.31
CA GLY A 852 1.00 -18.61 4.51
C GLY A 852 1.77 -17.97 3.37
N GLN A 853 1.29 -16.83 2.85
CA GLN A 853 1.93 -16.18 1.72
C GLN A 853 2.95 -15.13 2.13
N LEU A 854 2.83 -14.56 3.32
CA LEU A 854 3.73 -13.48 3.72
C LEU A 854 5.07 -14.04 4.19
N LEU A 855 6.15 -13.34 3.84
CA LEU A 855 7.49 -13.64 4.30
C LEU A 855 8.15 -12.35 4.76
N GLU A 856 8.71 -12.38 5.97
CA GLU A 856 9.26 -11.17 6.56
C GLU A 856 10.43 -10.65 5.72
N THR A 857 10.55 -9.33 5.66
CA THR A 857 11.61 -8.71 4.88
C THR A 857 11.75 -7.27 5.34
N SER A 858 12.80 -6.63 4.82
CA SER A 858 13.04 -5.22 5.03
C SER A 858 13.39 -4.59 3.69
N GLY A 859 13.18 -3.28 3.60
CA GLY A 859 13.35 -2.60 2.34
C GLY A 859 12.21 -2.76 1.38
N LEU A 860 11.10 -3.36 1.82
CA LEU A 860 9.94 -3.50 0.97
C LEU A 860 9.34 -2.13 0.66
N CYS A 861 8.97 -1.93 -0.60
CA CYS A 861 8.30 -0.71 -1.02
C CYS A 861 6.82 -1.03 -1.19
N ILE A 862 6.12 -1.08 -0.06
CA ILE A 862 4.70 -1.44 -0.07
C ILE A 862 3.90 -0.32 -0.72
N PRO A 863 3.04 -0.62 -1.70
CA PRO A 863 2.31 0.45 -2.38
C PRO A 863 1.36 1.17 -1.43
N ALA A 864 1.09 2.44 -1.74
CA ALA A 864 0.24 3.25 -0.87
C ALA A 864 -1.21 2.76 -0.88
N ASN A 865 -1.72 2.35 -2.04
CA ASN A 865 -3.10 1.88 -2.17
C ASN A 865 -3.13 0.39 -1.88
N ASN A 866 -3.18 0.05 -0.59
CA ASN A 866 -3.27 -1.33 -0.16
C ASN A 866 -4.66 -1.71 0.31
N THR A 867 -5.68 -0.97 -0.13
CA THR A 867 -7.04 -1.22 0.36
C THR A 867 -7.51 -2.61 -0.04
N LEU A 868 -7.28 -2.99 -1.29
CA LEU A 868 -7.72 -4.32 -1.74
C LEU A 868 -6.95 -5.41 -1.02
N PHE A 869 -5.64 -5.22 -0.83
CA PHE A 869 -4.82 -6.23 -0.17
C PHE A 869 -5.23 -6.42 1.29
N ILE A 870 -5.41 -5.31 2.02
CA ILE A 870 -5.82 -5.40 3.42
C ILE A 870 -7.22 -6.01 3.52
N VAL A 871 -8.13 -5.60 2.63
CA VAL A 871 -9.49 -6.14 2.65
C VAL A 871 -9.49 -7.64 2.37
N SER A 872 -8.69 -8.09 1.41
CA SER A 872 -8.62 -9.51 1.12
C SER A 872 -8.01 -10.28 2.27
N ILE A 873 -6.97 -9.73 2.90
CA ILE A 873 -6.36 -10.41 4.05
C ILE A 873 -7.38 -10.56 5.17
N SER A 874 -8.14 -9.49 5.44
CA SER A 874 -9.16 -9.56 6.48
C SER A 874 -10.25 -10.57 6.12
N LYS A 875 -10.69 -10.59 4.86
CA LYS A 875 -11.74 -11.53 4.47
C LYS A 875 -11.27 -12.97 4.63
N THR A 876 -10.04 -13.26 4.18
CA THR A 876 -9.54 -14.62 4.30
C THR A 876 -9.35 -15.00 5.76
N LEU A 877 -8.84 -14.08 6.57
CA LEU A 877 -8.65 -14.38 7.99
C LEU A 877 -9.97 -14.61 8.69
N ALA A 878 -11.01 -13.85 8.32
CA ALA A 878 -12.32 -14.03 8.93
C ALA A 878 -12.92 -15.37 8.55
N ALA A 879 -12.94 -15.70 7.24
CA ALA A 879 -13.58 -16.94 6.82
C ALA A 879 -12.79 -18.15 7.29
N ASN A 880 -11.48 -18.16 7.04
CA ASN A 880 -10.67 -19.33 7.37
C ASN A 880 -10.50 -19.48 8.87
N GLU A 881 -10.34 -18.36 9.58
CA GLU A 881 -10.02 -18.37 11.00
C GLU A 881 -11.01 -17.49 11.74
N PRO A 882 -12.27 -17.92 11.87
CA PRO A 882 -13.22 -17.18 12.71
C PRO A 882 -13.06 -17.57 14.16
N HIS A 883 -11.80 -17.81 14.58
CA HIS A 883 -11.54 -18.24 15.94
C HIS A 883 -11.81 -17.13 16.95
N LEU A 884 -11.22 -15.96 16.73
CA LEU A 884 -11.42 -14.86 17.67
C LEU A 884 -12.73 -14.15 17.39
N THR A 885 -12.79 -13.40 16.29
CA THR A 885 -14.02 -12.78 15.79
C THR A 885 -14.71 -11.86 16.78
N LEU A 886 -14.17 -11.73 17.99
CA LEU A 886 -14.72 -10.86 19.01
C LEU A 886 -13.72 -9.81 19.46
N GLU A 887 -12.50 -10.22 19.80
CA GLU A 887 -11.47 -9.25 20.15
C GLU A 887 -11.17 -8.35 18.98
N PHE A 888 -11.13 -8.92 17.77
CA PHE A 888 -10.90 -8.11 16.59
C PHE A 888 -12.02 -7.10 16.39
N LEU A 889 -13.28 -7.56 16.56
CA LEU A 889 -14.41 -6.68 16.34
C LEU A 889 -14.44 -5.56 17.36
N GLU A 890 -14.19 -5.88 18.63
CA GLU A 890 -14.16 -4.86 19.67
C GLU A 890 -13.06 -3.85 19.42
N GLU A 891 -11.87 -4.33 19.07
CA GLU A 891 -10.76 -3.43 18.80
C GLU A 891 -11.04 -2.55 17.58
N CYS A 892 -11.61 -3.14 16.52
CA CYS A 892 -11.87 -2.35 15.32
C CYS A 892 -12.93 -1.29 15.58
N ILE A 893 -14.00 -1.65 16.30
CA ILE A 893 -15.02 -0.65 16.61
C ILE A 893 -14.46 0.44 17.50
N SER A 894 -13.58 0.06 18.44
CA SER A 894 -12.96 1.07 19.30
C SER A 894 -12.06 2.00 18.51
N GLY A 895 -11.25 1.46 17.61
CA GLY A 895 -10.32 2.27 16.82
C GLY A 895 -10.93 3.02 15.66
N PHE A 896 -12.15 2.65 15.25
CA PHE A 896 -12.85 3.38 14.21
C PHE A 896 -13.09 4.83 14.61
N SER A 897 -13.23 5.08 15.91
CA SER A 897 -13.37 6.45 16.40
C SER A 897 -12.04 7.19 16.40
N LYS A 898 -10.93 6.47 16.52
CA LYS A 898 -9.63 7.11 16.69
C LYS A 898 -8.88 7.33 15.37
N SER A 899 -9.46 6.93 14.23
CA SER A 899 -8.76 7.01 12.97
C SER A 899 -9.17 8.26 12.19
N SER A 900 -8.56 8.44 11.02
CA SER A 900 -8.91 9.53 10.12
C SER A 900 -9.97 9.06 9.14
N ILE A 901 -10.46 10.00 8.33
CA ILE A 901 -11.60 9.73 7.47
C ILE A 901 -11.26 8.66 6.43
N GLU A 902 -10.11 8.80 5.78
CA GLU A 902 -9.69 7.79 4.81
C GLU A 902 -9.51 6.43 5.48
N LEU A 903 -8.84 6.43 6.63
CA LEU A 903 -8.73 5.18 7.37
C LEU A 903 -10.07 4.76 7.97
N LYS A 904 -11.00 5.69 8.19
CA LYS A 904 -12.35 5.27 8.57
C LYS A 904 -12.99 4.45 7.46
N HIS A 905 -12.84 4.90 6.21
CA HIS A 905 -13.35 4.15 5.07
C HIS A 905 -12.68 2.78 4.97
N LEU A 906 -11.35 2.76 5.10
CA LEU A 906 -10.64 1.48 5.02
C LEU A 906 -11.06 0.54 6.14
N CYS A 907 -11.22 1.06 7.35
CA CYS A 907 -11.61 0.23 8.48
C CYS A 907 -13.01 -0.32 8.30
N LEU A 908 -13.93 0.49 7.80
CA LEU A 908 -15.26 -0.02 7.50
C LEU A 908 -15.17 -1.11 6.44
N GLU A 909 -14.30 -0.91 5.45
CA GLU A 909 -14.16 -1.88 4.37
C GLU A 909 -13.71 -3.24 4.91
N TYR A 910 -12.70 -3.28 5.76
CA TYR A 910 -12.27 -4.60 6.19
C TYR A 910 -12.98 -5.08 7.45
N MET A 911 -13.84 -4.26 8.04
CA MET A 911 -14.68 -4.75 9.14
C MET A 911 -16.00 -5.30 8.65
N THR A 912 -16.49 -4.85 7.49
CA THR A 912 -17.68 -5.44 6.90
C THR A 912 -17.55 -6.93 6.69
N PRO A 913 -16.41 -7.47 6.25
CA PRO A 913 -16.31 -8.92 6.09
C PRO A 913 -16.41 -9.70 7.40
N TRP A 914 -16.20 -9.06 8.54
CA TRP A 914 -16.19 -9.76 9.82
C TRP A 914 -17.53 -9.77 10.53
N LEU A 915 -18.42 -8.84 10.20
CA LEU A 915 -19.67 -8.71 10.95
C LEU A 915 -20.57 -9.93 10.79
N SER A 916 -20.34 -10.74 9.77
CA SER A 916 -21.15 -11.94 9.57
C SER A 916 -20.89 -12.96 10.68
N ASN A 917 -19.64 -13.03 11.16
CA ASN A 917 -19.26 -14.04 12.14
C ASN A 917 -19.93 -13.84 13.49
N LEU A 918 -20.55 -12.68 13.73
CA LEU A 918 -21.13 -12.41 15.04
C LEU A 918 -22.31 -13.31 15.38
N VAL A 919 -22.89 -13.98 14.39
CA VAL A 919 -24.07 -14.81 14.64
C VAL A 919 -23.71 -15.98 15.55
N ARG A 920 -22.58 -16.64 15.29
CA ARG A 920 -22.23 -17.83 16.05
C ARG A 920 -22.03 -17.52 17.52
N PHE A 921 -21.37 -16.41 17.83
CA PHE A 921 -21.19 -15.99 19.22
C PHE A 921 -22.29 -15.03 19.65
N CYS A 922 -23.54 -15.42 19.42
CA CYS A 922 -24.70 -14.67 19.90
C CYS A 922 -25.67 -15.53 20.67
N LYS A 923 -25.89 -16.77 20.26
CA LYS A 923 -26.78 -17.70 20.93
C LYS A 923 -26.06 -18.66 21.86
N HIS A 924 -24.75 -18.50 22.03
CA HIS A 924 -24.00 -19.37 22.93
C HIS A 924 -24.50 -19.21 24.36
N ASN A 925 -24.48 -20.31 25.11
CA ASN A 925 -25.00 -20.30 26.47
C ASN A 925 -23.97 -19.75 27.45
N ASP A 926 -23.46 -18.55 27.17
CA ASP A 926 -22.54 -17.85 28.05
C ASP A 926 -23.04 -16.43 28.24
N ASP A 927 -23.18 -16.01 29.49
CA ASP A 927 -23.61 -14.64 29.78
C ASP A 927 -22.58 -13.63 29.33
N ALA A 928 -21.30 -13.94 29.52
CA ALA A 928 -20.24 -13.01 29.12
C ALA A 928 -20.22 -12.83 27.61
N LYS A 929 -20.40 -13.91 26.86
CA LYS A 929 -20.42 -13.80 25.40
C LYS A 929 -21.59 -12.97 24.92
N ARG A 930 -22.78 -13.20 25.48
CA ARG A 930 -23.96 -12.43 25.09
C ARG A 930 -23.78 -10.97 25.44
N GLN A 931 -23.21 -10.67 26.60
CA GLN A 931 -22.96 -9.29 26.98
C GLN A 931 -21.95 -8.64 26.05
N ARG A 932 -20.92 -9.39 25.64
CA ARG A 932 -19.94 -8.84 24.70
C ARG A 932 -20.58 -8.52 23.35
N VAL A 933 -21.43 -9.43 22.85
CA VAL A 933 -22.11 -9.17 21.59
C VAL A 933 -23.02 -7.96 21.71
N THR A 934 -23.72 -7.83 22.84
CA THR A 934 -24.57 -6.67 23.04
C THR A 934 -23.77 -5.38 23.09
N ALA A 935 -22.60 -5.40 23.72
CA ALA A 935 -21.76 -4.21 23.75
C ALA A 935 -21.26 -3.85 22.36
N ILE A 936 -20.91 -4.87 21.56
CA ILE A 936 -20.46 -4.60 20.20
C ILE A 936 -21.58 -3.95 19.39
N LEU A 937 -22.80 -4.49 19.51
CA LEU A 937 -23.93 -3.92 18.79
C LEU A 937 -24.22 -2.50 19.26
N ASP A 938 -24.11 -2.25 20.57
CA ASP A 938 -24.32 -0.90 21.08
C ASP A 938 -23.29 0.08 20.54
N LYS A 939 -22.03 -0.35 20.47
CA LYS A 939 -20.99 0.52 19.93
C LYS A 939 -21.23 0.80 18.45
N LEU A 940 -21.68 -0.21 17.70
CA LEU A 940 -22.01 0.00 16.29
C LEU A 940 -23.16 0.98 16.13
N ILE A 941 -24.18 0.86 16.98
CA ILE A 941 -25.31 1.79 16.92
C ILE A 941 -24.85 3.21 17.25
N THR A 942 -23.97 3.34 18.24
CA THR A 942 -23.44 4.66 18.57
C THR A 942 -22.65 5.25 17.41
N MET A 943 -21.85 4.42 16.74
CA MET A 943 -21.11 4.89 15.57
C MET A 943 -22.06 5.35 14.47
N THR A 944 -23.15 4.62 14.26
CA THR A 944 -24.15 5.05 13.28
C THR A 944 -24.76 6.39 13.67
N ILE A 945 -25.07 6.56 14.95
CA ILE A 945 -25.73 7.79 15.38
C ILE A 945 -24.78 8.98 15.26
N ASN A 946 -23.51 8.78 15.56
CA ASN A 946 -22.57 9.90 15.62
C ASN A 946 -21.99 10.27 14.25
N GLU A 947 -21.56 9.28 13.47
CA GLU A 947 -20.89 9.52 12.19
C GLU A 947 -21.94 9.89 11.15
N LYS A 948 -22.02 11.19 10.84
CA LYS A 948 -23.02 11.67 9.90
C LYS A 948 -22.46 11.96 8.52
N GLN A 949 -21.15 12.21 8.41
CA GLN A 949 -20.57 12.54 7.11
C GLN A 949 -20.76 11.40 6.11
N MET A 950 -20.42 10.17 6.52
CA MET A 950 -20.48 8.99 5.67
C MET A 950 -21.65 8.09 6.04
N TYR A 951 -22.81 8.69 6.31
CA TYR A 951 -23.95 7.94 6.85
C TYR A 951 -24.43 6.86 5.89
N PRO A 952 -24.67 7.13 4.61
CA PRO A 952 -25.14 6.06 3.71
C PRO A 952 -24.16 4.91 3.61
N SER A 953 -22.87 5.20 3.64
CA SER A 953 -21.87 4.13 3.60
C SER A 953 -22.01 3.23 4.82
N ILE A 954 -22.12 3.85 6.01
CA ILE A 954 -22.23 3.07 7.23
C ILE A 954 -23.48 2.20 7.20
N GLN A 955 -24.61 2.79 6.79
CA GLN A 955 -25.83 2.01 6.66
C GLN A 955 -25.66 0.83 5.73
N ALA A 956 -25.44 1.11 4.44
CA ALA A 956 -25.43 0.05 3.44
C ALA A 956 -24.33 -0.97 3.67
N LYS A 957 -23.27 -0.62 4.42
CA LYS A 957 -22.19 -1.57 4.62
C LYS A 957 -22.39 -2.40 5.89
N ILE A 958 -22.66 -1.75 7.02
CA ILE A 958 -22.78 -2.47 8.28
C ILE A 958 -24.18 -3.06 8.42
N TRP A 959 -25.20 -2.21 8.40
CA TRP A 959 -26.54 -2.68 8.73
C TRP A 959 -27.16 -3.46 7.58
N GLY A 960 -26.90 -3.04 6.34
CA GLY A 960 -27.37 -3.80 5.20
C GLY A 960 -26.77 -5.19 5.10
N SER A 961 -25.65 -5.42 5.79
CA SER A 961 -25.07 -6.75 5.88
C SER A 961 -25.55 -7.49 7.13
N LEU A 962 -25.74 -6.77 8.23
CA LEU A 962 -26.23 -7.41 9.44
C LEU A 962 -27.66 -7.90 9.27
N GLY A 963 -28.44 -7.25 8.41
CA GLY A 963 -29.81 -7.68 8.20
C GLY A 963 -29.93 -8.99 7.45
N GLN A 964 -28.99 -9.27 6.56
CA GLN A 964 -29.06 -10.46 5.72
C GLN A 964 -28.93 -11.75 6.51
N ILE A 965 -28.49 -11.69 7.77
CA ILE A 965 -28.41 -12.85 8.64
C ILE A 965 -29.62 -12.87 9.56
N THR A 966 -30.33 -14.01 9.56
CA THR A 966 -31.63 -14.07 10.24
C THR A 966 -31.51 -14.17 11.75
N ASP A 967 -30.47 -14.84 12.25
CA ASP A 967 -30.40 -15.12 13.69
C ASP A 967 -30.24 -13.86 14.52
N LEU A 968 -29.48 -12.87 14.04
CA LEU A 968 -29.11 -11.72 14.85
C LEU A 968 -30.14 -10.61 14.85
N LEU A 969 -31.26 -10.80 14.14
CA LEU A 969 -32.27 -9.73 14.04
C LEU A 969 -32.86 -9.40 15.39
N ASP A 970 -33.14 -10.42 16.21
CA ASP A 970 -33.74 -10.17 17.52
C ASP A 970 -32.82 -9.30 18.37
N VAL A 971 -31.54 -9.65 18.41
CA VAL A 971 -30.60 -8.90 19.23
C VAL A 971 -30.46 -7.48 18.71
N VAL A 972 -30.34 -7.32 17.39
CA VAL A 972 -30.14 -5.99 16.82
C VAL A 972 -31.36 -5.11 17.10
N LEU A 973 -32.55 -5.65 16.90
CA LEU A 973 -33.77 -4.87 17.15
C LEU A 973 -33.91 -4.52 18.63
N ASP A 974 -33.58 -5.46 19.52
CA ASP A 974 -33.67 -5.17 20.94
C ASP A 974 -32.69 -4.07 21.33
N SER A 975 -31.49 -4.09 20.76
CA SER A 975 -30.53 -3.01 21.02
C SER A 975 -31.07 -1.68 20.50
N PHE A 976 -31.69 -1.69 19.32
CA PHE A 976 -32.31 -0.48 18.80
C PHE A 976 -33.35 0.07 19.77
N ILE A 977 -34.22 -0.82 20.27
CA ILE A 977 -35.29 -0.39 21.16
C ILE A 977 -34.73 0.16 22.46
N LYS A 978 -33.75 -0.54 23.04
CA LYS A 978 -33.18 -0.08 24.31
C LYS A 978 -32.48 1.26 24.14
N THR A 979 -31.73 1.43 23.05
CA THR A 979 -31.10 2.73 22.82
C THR A 979 -32.13 3.81 22.51
N SER A 980 -33.26 3.44 21.91
CA SER A 980 -34.33 4.42 21.69
C SER A 980 -34.93 4.88 23.01
N ALA A 981 -35.14 3.94 23.93
CA ALA A 981 -35.62 4.32 25.25
C ALA A 981 -34.62 5.20 25.98
N THR A 982 -33.32 4.88 25.86
CA THR A 982 -32.31 5.67 26.54
C THR A 982 -32.19 7.07 25.96
N GLY A 983 -32.20 7.18 24.63
CA GLY A 983 -31.98 8.48 23.99
C GLY A 983 -33.10 9.47 24.23
N GLY A 984 -34.33 9.00 24.27
CA GLY A 984 -35.48 9.87 24.47
C GLY A 984 -36.16 10.21 23.17
N LEU A 985 -37.47 10.48 23.26
CA LEU A 985 -38.25 10.79 22.07
C LEU A 985 -37.81 12.12 21.48
N GLY A 986 -37.69 12.16 20.15
CA GLY A 986 -37.25 13.35 19.46
C GLY A 986 -35.76 13.59 19.49
N SER A 987 -35.00 12.72 20.14
CA SER A 987 -33.56 12.88 20.19
C SER A 987 -32.92 12.36 18.90
N ILE A 988 -31.66 12.74 18.69
CA ILE A 988 -30.95 12.33 17.48
C ILE A 988 -30.90 10.82 17.39
N LYS A 989 -30.69 10.15 18.53
CA LYS A 989 -30.61 8.69 18.52
C LYS A 989 -31.92 8.07 18.04
N ALA A 990 -33.06 8.60 18.50
CA ALA A 990 -34.34 8.02 18.12
C ALA A 990 -34.57 8.12 16.63
N GLU A 991 -34.33 9.30 16.05
CA GLU A 991 -34.51 9.46 14.61
C GLU A 991 -33.52 8.60 13.83
N VAL A 992 -32.26 8.56 14.29
CA VAL A 992 -31.24 7.81 13.56
C VAL A 992 -31.61 6.34 13.52
N MET A 993 -32.06 5.79 14.65
CA MET A 993 -32.40 4.38 14.69
C MET A 993 -33.70 4.09 13.98
N ALA A 994 -34.66 5.03 14.01
CA ALA A 994 -35.87 4.84 13.24
C ALA A 994 -35.55 4.76 11.75
N ASP A 995 -34.65 5.61 11.27
CA ASP A 995 -34.24 5.56 9.87
C ASP A 995 -33.44 4.29 9.58
N THR A 996 -32.50 3.95 10.45
CA THR A 996 -31.67 2.76 10.24
C THR A 996 -32.46 1.48 10.31
N ALA A 997 -33.66 1.51 10.90
CA ALA A 997 -34.53 0.35 10.84
C ALA A 997 -34.90 0.02 9.39
N VAL A 998 -34.97 1.03 8.53
CA VAL A 998 -35.20 0.78 7.12
C VAL A 998 -34.02 0.02 6.51
N ALA A 999 -32.81 0.41 6.86
CA ALA A 999 -31.63 -0.31 6.36
C ALA A 999 -31.60 -1.74 6.87
N LEU A 1000 -31.90 -1.92 8.14
CA LEU A 1000 -31.91 -3.27 8.71
C LEU A 1000 -32.97 -4.13 8.05
N ALA A 1001 -34.15 -3.56 7.78
CA ALA A 1001 -35.25 -4.33 7.21
C ALA A 1001 -34.89 -4.86 5.83
N SER A 1002 -34.25 -4.05 5.00
CA SER A 1002 -33.89 -4.46 3.65
C SER A 1002 -32.94 -5.65 3.66
N SER B 126 -32.39 22.97 -21.16
CA SER B 126 -33.05 23.43 -19.94
C SER B 126 -33.18 22.31 -18.92
N ILE B 127 -32.65 21.14 -19.26
CA ILE B 127 -32.70 19.98 -18.37
C ILE B 127 -31.74 20.10 -17.21
N GLY B 128 -30.87 21.11 -17.20
CA GLY B 128 -29.89 21.23 -16.14
C GLY B 128 -30.44 21.69 -14.81
N LEU B 129 -31.64 22.26 -14.80
CA LEU B 129 -32.21 22.76 -13.56
C LEU B 129 -32.50 21.65 -12.56
N GLY B 130 -32.63 20.41 -13.02
CA GLY B 130 -32.81 19.31 -12.09
C GLY B 130 -31.65 19.15 -11.13
N TYR B 131 -30.44 19.50 -11.56
CA TYR B 131 -29.26 19.50 -10.70
C TYR B 131 -29.22 20.85 -10.00
N HIS B 132 -30.13 21.00 -9.05
CA HIS B 132 -30.45 22.27 -8.41
C HIS B 132 -29.38 22.66 -7.39
N LYS B 133 -29.61 23.76 -6.68
CA LYS B 133 -28.83 24.16 -5.53
C LYS B 133 -29.60 23.79 -4.26
N ASP B 134 -29.09 24.24 -3.11
CA ASP B 134 -29.70 23.92 -1.82
C ASP B 134 -31.20 24.21 -1.83
N LEU B 135 -32.00 23.16 -1.65
CA LEU B 135 -33.46 23.17 -1.80
C LEU B 135 -33.95 24.18 -2.84
N ILE B 807 -31.99 18.72 -29.04
CA ILE B 807 -31.86 17.76 -27.95
C ILE B 807 -32.60 16.47 -28.31
N ARG B 808 -31.86 15.37 -28.41
CA ARG B 808 -32.47 14.11 -28.83
C ARG B 808 -33.41 13.59 -27.75
N PRO B 809 -34.68 13.35 -28.08
CA PRO B 809 -35.62 12.84 -27.08
C PRO B 809 -35.45 11.36 -26.76
N LYS B 810 -34.41 10.71 -27.27
CA LYS B 810 -34.16 9.31 -26.94
C LYS B 810 -33.29 9.19 -25.70
N ASP B 811 -32.15 9.90 -25.69
CA ASP B 811 -31.23 9.80 -24.57
C ASP B 811 -31.68 10.61 -23.36
N VAL B 812 -32.66 11.49 -23.53
CA VAL B 812 -33.19 12.25 -22.41
C VAL B 812 -33.81 11.26 -21.42
N PRO B 813 -34.12 10.04 -21.84
CA PRO B 813 -34.51 9.02 -20.87
C PRO B 813 -33.48 8.89 -19.76
N GLY B 814 -32.23 8.64 -20.13
CA GLY B 814 -31.17 8.57 -19.14
C GLY B 814 -30.89 9.90 -18.49
N THR B 815 -30.92 10.98 -19.27
CA THR B 815 -30.60 12.31 -18.73
C THR B 815 -31.62 12.76 -17.68
N LEU B 816 -32.84 12.22 -17.72
CA LEU B 816 -33.83 12.48 -16.69
C LEU B 816 -33.81 11.42 -15.59
N LEU B 817 -33.47 10.18 -15.94
CA LEU B 817 -33.37 9.12 -14.95
C LEU B 817 -32.27 9.44 -13.95
N ASN B 818 -31.18 10.06 -14.42
CA ASN B 818 -30.11 10.47 -13.50
C ASN B 818 -30.64 11.47 -12.49
N ILE B 819 -31.41 12.46 -12.94
CA ILE B 819 -31.97 13.46 -12.03
C ILE B 819 -32.91 12.80 -11.04
N ALA B 820 -33.75 11.89 -11.51
CA ALA B 820 -34.68 11.20 -10.62
C ALA B 820 -33.93 10.42 -9.54
N LEU B 821 -32.95 9.63 -9.95
CA LEU B 821 -32.20 8.80 -9.02
C LEU B 821 -31.45 9.63 -8.00
N LEU B 822 -30.82 10.72 -8.45
CA LEU B 822 -30.11 11.56 -7.50
C LEU B 822 -31.09 12.20 -6.51
N ASN B 823 -32.21 12.70 -7.02
CA ASN B 823 -33.11 13.46 -6.16
C ASN B 823 -33.87 12.57 -5.17
N LEU B 824 -34.02 11.28 -5.46
CA LEU B 824 -34.73 10.41 -4.53
C LEU B 824 -34.10 10.42 -3.14
N GLY B 825 -32.79 10.56 -3.05
CA GLY B 825 -32.12 10.52 -1.76
C GLY B 825 -31.97 11.84 -1.04
N SER B 826 -32.48 12.93 -1.58
CA SER B 826 -32.30 14.22 -0.95
C SER B 826 -33.09 14.32 0.34
N SER B 827 -32.70 15.27 1.18
CA SER B 827 -33.41 15.51 2.44
C SER B 827 -34.31 16.74 2.34
N ASN B 865 -33.82 7.65 4.47
CA ASN B 865 -32.77 6.71 4.11
C ASN B 865 -33.25 5.75 3.03
N ASN B 866 -33.36 6.25 1.79
CA ASN B 866 -33.77 5.43 0.66
C ASN B 866 -32.58 4.99 -0.19
N THR B 867 -31.38 4.97 0.39
CA THR B 867 -30.19 4.62 -0.37
C THR B 867 -30.27 3.20 -0.92
N LEU B 868 -30.75 2.26 -0.10
CA LEU B 868 -30.88 0.88 -0.57
C LEU B 868 -31.87 0.77 -1.71
N PHE B 869 -33.02 1.44 -1.61
CA PHE B 869 -34.00 1.38 -2.67
C PHE B 869 -33.47 1.97 -3.96
N ILE B 870 -32.86 3.15 -3.87
CA ILE B 870 -32.37 3.81 -5.09
C ILE B 870 -31.27 2.98 -5.72
N VAL B 871 -30.39 2.40 -4.89
CA VAL B 871 -29.30 1.58 -5.41
C VAL B 871 -29.84 0.33 -6.09
N SER B 872 -30.83 -0.32 -5.48
CA SER B 872 -31.43 -1.50 -6.10
C SER B 872 -32.13 -1.15 -7.41
N ILE B 873 -32.83 -0.01 -7.44
CA ILE B 873 -33.48 0.42 -8.66
C ILE B 873 -32.45 0.67 -9.75
N SER B 874 -31.34 1.31 -9.39
CA SER B 874 -30.28 1.57 -10.36
C SER B 874 -29.69 0.26 -10.88
N LYS B 875 -29.45 -0.70 -10.00
CA LYS B 875 -28.90 -1.98 -10.43
C LYS B 875 -29.86 -2.70 -11.36
N THR B 876 -31.15 -2.73 -11.01
CA THR B 876 -32.14 -3.43 -11.83
C THR B 876 -32.30 -2.76 -13.19
N LEU B 877 -32.32 -1.43 -13.22
CA LEU B 877 -32.38 -0.74 -14.51
C LEU B 877 -31.13 -0.99 -15.33
N ALA B 878 -29.96 -1.03 -14.67
CA ALA B 878 -28.71 -1.26 -15.38
C ALA B 878 -28.69 -2.64 -16.01
N ALA B 879 -29.18 -3.64 -15.30
CA ALA B 879 -29.20 -5.00 -15.85
C ALA B 879 -30.28 -5.16 -16.90
N ASN B 880 -31.55 -4.99 -16.51
CA ASN B 880 -32.66 -5.32 -17.38
C ASN B 880 -32.76 -4.40 -18.58
N GLU B 881 -32.31 -3.15 -18.45
CA GLU B 881 -32.40 -2.16 -19.52
C GLU B 881 -31.03 -1.54 -19.77
N PRO B 882 -30.07 -2.34 -20.21
CA PRO B 882 -28.73 -1.81 -20.53
C PRO B 882 -28.65 -1.33 -21.98
N HIS B 883 -29.54 -0.42 -22.35
CA HIS B 883 -29.63 0.03 -23.73
C HIS B 883 -28.67 1.19 -24.01
N LEU B 884 -28.83 2.31 -23.30
CA LEU B 884 -28.02 3.49 -23.59
C LEU B 884 -26.65 3.38 -22.95
N THR B 885 -26.60 3.37 -21.61
CA THR B 885 -25.38 3.14 -20.84
C THR B 885 -24.28 4.16 -21.14
N LEU B 886 -24.57 5.14 -21.99
CA LEU B 886 -23.60 6.19 -22.33
C LEU B 886 -24.11 7.57 -21.95
N GLU B 887 -25.35 7.90 -22.31
CA GLU B 887 -25.93 9.16 -21.86
C GLU B 887 -26.10 9.19 -20.35
N PHE B 888 -26.51 8.07 -19.77
CA PHE B 888 -26.70 8.00 -18.33
C PHE B 888 -25.38 8.15 -17.58
N LEU B 889 -24.32 7.50 -18.07
CA LEU B 889 -23.02 7.63 -17.41
C LEU B 889 -22.48 9.05 -17.51
N GLU B 890 -22.62 9.67 -18.68
CA GLU B 890 -22.18 11.05 -18.84
C GLU B 890 -22.94 11.97 -17.90
N GLU B 891 -24.26 11.78 -17.83
CA GLU B 891 -25.07 12.61 -16.94
C GLU B 891 -24.69 12.40 -15.48
N CYS B 892 -24.48 11.15 -15.07
CA CYS B 892 -24.13 10.87 -13.67
C CYS B 892 -22.78 11.45 -13.31
N ILE B 893 -21.80 11.32 -14.20
CA ILE B 893 -20.49 11.90 -13.93
C ILE B 893 -20.59 13.42 -13.84
N SER B 894 -21.39 14.04 -14.71
CA SER B 894 -21.58 15.47 -14.65
C SER B 894 -22.24 15.90 -13.33
N GLY B 895 -23.25 15.14 -12.89
CA GLY B 895 -23.95 15.50 -11.66
C GLY B 895 -23.20 15.16 -10.39
N PHE B 896 -22.19 14.29 -10.46
CA PHE B 896 -21.39 13.98 -9.28
C PHE B 896 -20.62 15.20 -8.79
N SER B 897 -20.22 16.08 -9.70
CA SER B 897 -19.43 17.24 -9.32
C SER B 897 -20.21 18.20 -8.42
N LYS B 898 -21.49 18.39 -8.70
CA LYS B 898 -22.28 19.39 -7.98
C LYS B 898 -22.95 18.87 -6.73
N SER B 899 -22.90 17.56 -6.47
CA SER B 899 -23.67 17.00 -5.38
C SER B 899 -22.97 17.20 -4.04
N SER B 900 -23.67 16.83 -2.97
CA SER B 900 -23.14 16.92 -1.62
C SER B 900 -22.39 15.65 -1.26
N ILE B 901 -21.67 15.70 -0.14
CA ILE B 901 -20.81 14.58 0.25
C ILE B 901 -21.64 13.31 0.40
N GLU B 902 -22.75 13.40 1.14
CA GLU B 902 -23.65 12.26 1.22
C GLU B 902 -24.26 11.94 -0.15
N LEU B 903 -24.63 12.97 -0.90
CA LEU B 903 -25.10 12.76 -2.25
C LEU B 903 -24.02 12.15 -3.12
N LYS B 904 -22.76 12.52 -2.90
CA LYS B 904 -21.66 11.89 -3.64
C LYS B 904 -21.55 10.41 -3.29
N HIS B 905 -21.70 10.07 -2.01
CA HIS B 905 -21.68 8.67 -1.61
C HIS B 905 -22.78 7.89 -2.32
N LEU B 906 -24.00 8.45 -2.32
CA LEU B 906 -25.10 7.78 -3.01
C LEU B 906 -24.82 7.67 -4.51
N CYS B 907 -24.26 8.73 -5.11
CA CYS B 907 -24.01 8.72 -6.55
C CYS B 907 -23.01 7.63 -6.92
N LEU B 908 -21.91 7.53 -6.17
CA LEU B 908 -20.96 6.47 -6.42
C LEU B 908 -21.60 5.10 -6.23
N GLU B 909 -22.44 4.96 -5.19
CA GLU B 909 -23.06 3.67 -4.91
C GLU B 909 -23.96 3.22 -6.06
N TYR B 910 -24.82 4.12 -6.56
CA TYR B 910 -25.74 3.68 -7.60
C TYR B 910 -25.18 3.84 -9.00
N MET B 911 -23.99 4.41 -9.15
CA MET B 911 -23.37 4.50 -10.46
C MET B 911 -22.33 3.42 -10.70
N THR B 912 -21.75 2.86 -9.64
CA THR B 912 -20.82 1.75 -9.82
C THR B 912 -21.46 0.57 -10.57
N PRO B 913 -22.72 0.22 -10.33
CA PRO B 913 -23.32 -0.88 -11.11
C PRO B 913 -23.39 -0.59 -12.60
N TRP B 914 -23.32 0.67 -13.00
CA TRP B 914 -23.44 1.02 -14.41
C TRP B 914 -22.11 1.03 -15.13
N LEU B 915 -20.99 1.03 -14.41
CA LEU B 915 -19.68 1.01 -15.06
C LEU B 915 -19.40 -0.33 -15.71
N SER B 916 -19.91 -1.42 -15.13
CA SER B 916 -19.68 -2.75 -15.70
C SER B 916 -20.27 -2.87 -17.09
N ASN B 917 -21.45 -2.29 -17.30
CA ASN B 917 -22.14 -2.37 -18.59
C ASN B 917 -21.43 -1.61 -19.68
N LEU B 918 -20.40 -0.82 -19.35
CA LEU B 918 -19.66 -0.11 -20.38
C LEU B 918 -18.90 -1.05 -21.31
N VAL B 919 -18.76 -2.32 -20.93
CA VAL B 919 -17.99 -3.26 -21.75
C VAL B 919 -18.64 -3.44 -23.11
N ARG B 920 -19.95 -3.29 -23.19
CA ARG B 920 -20.66 -3.50 -24.46
C ARG B 920 -20.20 -2.48 -25.50
N PHE B 921 -20.07 -1.23 -25.10
CA PHE B 921 -19.64 -0.17 -26.03
C PHE B 921 -18.12 -0.04 -26.03
N CYS B 922 -17.44 -1.15 -26.21
CA CYS B 922 -15.99 -1.17 -26.35
C CYS B 922 -15.53 -1.70 -27.69
N LYS B 923 -16.09 -2.84 -28.13
CA LYS B 923 -15.81 -3.37 -29.45
C LYS B 923 -16.72 -2.78 -30.53
N HIS B 924 -17.60 -1.85 -30.16
CA HIS B 924 -18.47 -1.22 -31.15
C HIS B 924 -17.66 -0.48 -32.19
N ASN B 925 -18.07 -0.60 -33.44
CA ASN B 925 -17.33 -0.02 -34.57
C ASN B 925 -17.91 1.34 -34.95
N ASP B 926 -17.78 2.30 -34.03
CA ASP B 926 -18.17 3.68 -34.26
C ASP B 926 -17.10 4.60 -33.71
N ASP B 927 -16.66 5.57 -34.54
CA ASP B 927 -15.69 6.54 -34.07
C ASP B 927 -16.29 7.44 -32.99
N ALA B 928 -17.56 7.83 -33.17
CA ALA B 928 -18.22 8.67 -32.17
C ALA B 928 -18.32 7.95 -30.83
N LYS B 929 -18.65 6.66 -30.85
CA LYS B 929 -18.69 5.89 -29.61
C LYS B 929 -17.32 5.81 -28.96
N ARG B 930 -16.27 5.65 -29.77
CA ARG B 930 -14.92 5.61 -29.23
C ARG B 930 -14.58 6.91 -28.53
N GLN B 931 -14.90 8.03 -29.16
CA GLN B 931 -14.66 9.33 -28.53
C GLN B 931 -15.47 9.46 -27.24
N ARG B 932 -16.71 8.97 -27.25
CA ARG B 932 -17.55 9.04 -26.06
C ARG B 932 -16.93 8.24 -24.91
N VAL B 933 -16.44 7.04 -25.20
CA VAL B 933 -15.81 6.23 -24.16
C VAL B 933 -14.55 6.91 -23.64
N THR B 934 -13.77 7.51 -24.55
CA THR B 934 -12.57 8.20 -24.11
C THR B 934 -12.91 9.35 -23.18
N ALA B 935 -13.96 10.12 -23.52
CA ALA B 935 -14.37 11.22 -22.66
C ALA B 935 -14.86 10.71 -21.31
N ILE B 936 -15.60 9.60 -21.30
CA ILE B 936 -16.11 9.07 -20.04
C ILE B 936 -14.97 8.63 -19.15
N LEU B 937 -13.99 7.91 -19.72
CA LEU B 937 -12.85 7.46 -18.93
C LEU B 937 -12.05 8.64 -18.39
N ASP B 938 -11.86 9.67 -19.22
CA ASP B 938 -11.15 10.86 -18.75
C ASP B 938 -11.90 11.54 -17.61
N LYS B 939 -13.23 11.61 -17.71
CA LYS B 939 -14.00 12.24 -16.64
C LYS B 939 -13.89 11.44 -15.35
N LEU B 940 -13.93 10.12 -15.45
CA LEU B 940 -13.76 9.27 -14.27
C LEU B 940 -12.37 9.46 -13.66
N ILE B 941 -11.36 9.63 -14.50
CA ILE B 941 -10.01 9.88 -14.01
C ILE B 941 -9.94 11.19 -13.24
N THR B 942 -10.57 12.24 -13.79
CA THR B 942 -10.59 13.52 -13.10
C THR B 942 -11.32 13.42 -11.76
N MET B 943 -12.41 12.66 -11.73
CA MET B 943 -13.12 12.45 -10.47
C MET B 943 -12.25 11.72 -9.46
N THR B 944 -11.54 10.67 -9.90
CA THR B 944 -10.68 9.93 -8.99
C THR B 944 -9.57 10.81 -8.44
N ILE B 945 -8.99 11.67 -9.28
CA ILE B 945 -7.91 12.53 -8.84
C ILE B 945 -8.43 13.61 -7.88
N ASN B 946 -9.65 14.11 -8.10
CA ASN B 946 -10.11 15.26 -7.34
C ASN B 946 -10.65 14.86 -5.97
N GLU B 947 -11.72 14.06 -5.94
CA GLU B 947 -12.44 13.76 -4.70
C GLU B 947 -11.63 12.77 -3.87
N LYS B 948 -10.62 13.29 -3.18
CA LYS B 948 -9.71 12.46 -2.41
C LYS B 948 -10.26 12.04 -1.06
N GLN B 949 -11.39 12.58 -0.63
CA GLN B 949 -11.95 12.20 0.66
C GLN B 949 -12.41 10.75 0.65
N MET B 950 -13.20 10.36 -0.35
CA MET B 950 -13.72 9.01 -0.46
C MET B 950 -12.78 8.10 -1.23
N TYR B 951 -11.50 8.42 -1.20
CA TYR B 951 -10.54 7.83 -2.14
C TYR B 951 -10.47 6.32 -2.03
N PRO B 952 -10.40 5.72 -0.85
CA PRO B 952 -10.42 4.25 -0.78
C PRO B 952 -11.67 3.65 -1.39
N SER B 953 -12.84 4.14 -1.00
CA SER B 953 -14.11 3.69 -1.56
C SER B 953 -14.22 4.02 -3.05
N ILE B 954 -13.79 5.22 -3.45
CA ILE B 954 -13.86 5.58 -4.86
C ILE B 954 -13.06 4.61 -5.70
N GLN B 955 -11.84 4.30 -5.27
CA GLN B 955 -11.01 3.35 -5.99
C GLN B 955 -11.64 1.97 -6.01
N ALA B 956 -11.97 1.43 -4.83
CA ALA B 956 -12.47 0.07 -4.76
C ALA B 956 -13.78 -0.11 -5.51
N LYS B 957 -14.57 0.94 -5.65
CA LYS B 957 -15.85 0.84 -6.34
C LYS B 957 -15.70 1.04 -7.84
N ILE B 958 -15.08 2.14 -8.26
CA ILE B 958 -15.00 2.45 -9.67
C ILE B 958 -13.94 1.59 -10.35
N TRP B 959 -12.68 1.70 -9.91
CA TRP B 959 -11.61 1.04 -10.63
C TRP B 959 -11.53 -0.45 -10.29
N GLY B 960 -11.84 -0.81 -9.05
CA GLY B 960 -11.88 -2.21 -8.68
C GLY B 960 -12.91 -3.01 -9.45
N SER B 961 -13.90 -2.33 -10.04
CA SER B 961 -14.86 -2.98 -10.91
C SER B 961 -14.53 -2.82 -12.39
N LEU B 962 -14.08 -1.63 -12.82
CA LEU B 962 -13.74 -1.41 -14.21
C LEU B 962 -12.48 -2.16 -14.64
N GLY B 963 -11.68 -2.65 -13.69
CA GLY B 963 -10.53 -3.45 -14.07
C GLY B 963 -10.91 -4.80 -14.63
N GLN B 964 -11.91 -5.45 -14.05
CA GLN B 964 -12.22 -6.83 -14.42
C GLN B 964 -12.76 -6.95 -15.84
N ILE B 965 -13.30 -5.87 -16.42
CA ILE B 965 -13.80 -5.92 -17.79
C ILE B 965 -12.61 -5.98 -18.73
N THR B 966 -12.26 -7.19 -19.17
CA THR B 966 -11.03 -7.39 -19.92
C THR B 966 -11.04 -6.68 -21.27
N ASP B 967 -12.22 -6.34 -21.80
CA ASP B 967 -12.26 -5.64 -23.07
C ASP B 967 -11.76 -4.21 -22.96
N LEU B 968 -12.01 -3.54 -21.83
CA LEU B 968 -11.71 -2.12 -21.69
C LEU B 968 -10.33 -1.85 -21.09
N LEU B 969 -9.53 -2.89 -20.87
CA LEU B 969 -8.22 -2.69 -20.25
C LEU B 969 -7.31 -1.86 -21.14
N ASP B 970 -7.33 -2.09 -22.46
CA ASP B 970 -6.48 -1.33 -23.35
C ASP B 970 -6.84 0.16 -23.32
N VAL B 971 -8.13 0.46 -23.40
CA VAL B 971 -8.56 1.86 -23.38
C VAL B 971 -8.20 2.51 -22.05
N VAL B 972 -8.43 1.79 -20.94
CA VAL B 972 -8.14 2.34 -19.64
C VAL B 972 -6.66 2.67 -19.52
N LEU B 973 -5.79 1.72 -19.91
CA LEU B 973 -4.37 1.95 -19.79
C LEU B 973 -3.89 3.07 -20.70
N ASP B 974 -4.44 3.17 -21.91
CA ASP B 974 -4.04 4.24 -22.81
C ASP B 974 -4.40 5.60 -22.23
N SER B 975 -5.61 5.72 -21.67
CA SER B 975 -6.01 6.97 -21.05
C SER B 975 -5.13 7.27 -19.84
N PHE B 976 -4.78 6.23 -19.07
CA PHE B 976 -3.89 6.40 -17.93
C PHE B 976 -2.55 6.99 -18.37
N ILE B 977 -1.96 6.40 -19.40
CA ILE B 977 -0.65 6.84 -19.84
C ILE B 977 -0.71 8.26 -20.38
N LYS B 978 -1.77 8.59 -21.14
CA LYS B 978 -1.90 9.93 -21.67
C LYS B 978 -2.07 10.97 -20.55
N THR B 979 -2.88 10.66 -19.55
CA THR B 979 -3.06 11.57 -18.42
C THR B 979 -1.75 11.75 -17.66
N SER B 980 -1.03 10.65 -17.42
CA SER B 980 0.25 10.75 -16.72
C SER B 980 1.23 11.58 -17.51
N ALA B 981 1.28 11.40 -18.83
CA ALA B 981 2.17 12.19 -19.66
C ALA B 981 1.81 13.66 -19.61
N THR B 982 0.52 13.99 -19.65
CA THR B 982 0.10 15.37 -19.53
C THR B 982 0.53 15.96 -18.19
N GLY B 983 0.40 15.18 -17.12
CA GLY B 983 0.93 15.62 -15.84
C GLY B 983 2.45 15.66 -15.81
N GLY B 984 3.08 14.66 -16.40
CA GLY B 984 4.52 14.51 -16.33
C GLY B 984 4.95 13.74 -15.09
N LEU B 985 6.23 13.39 -15.05
CA LEU B 985 6.77 12.65 -13.92
C LEU B 985 6.71 13.48 -12.65
N GLY B 986 6.39 12.84 -11.54
CA GLY B 986 6.31 13.51 -10.26
C GLY B 986 5.07 14.37 -10.06
N SER B 987 4.09 14.29 -10.96
CA SER B 987 2.88 15.08 -10.88
C SER B 987 1.87 14.41 -9.94
N ILE B 988 0.90 15.21 -9.49
CA ILE B 988 -0.19 14.67 -8.69
C ILE B 988 -1.00 13.70 -9.53
N LYS B 989 -1.30 14.07 -10.77
CA LYS B 989 -2.02 13.15 -11.65
C LYS B 989 -1.21 11.90 -11.91
N ALA B 990 0.09 12.04 -12.14
CA ALA B 990 0.93 10.87 -12.42
C ALA B 990 1.01 9.94 -11.23
N GLU B 991 1.20 10.48 -10.04
CA GLU B 991 1.23 9.65 -8.84
C GLU B 991 -0.12 8.97 -8.62
N VAL B 992 -1.22 9.71 -8.81
CA VAL B 992 -2.53 9.13 -8.59
C VAL B 992 -2.81 8.03 -9.60
N MET B 993 -2.35 8.19 -10.84
CA MET B 993 -2.53 7.13 -11.83
C MET B 993 -1.68 5.92 -11.49
N ALA B 994 -0.46 6.14 -11.02
CA ALA B 994 0.37 5.00 -10.62
C ALA B 994 -0.26 4.24 -9.47
N ASP B 995 -0.84 4.96 -8.51
CA ASP B 995 -1.52 4.31 -7.40
C ASP B 995 -2.78 3.59 -7.86
N THR B 996 -3.54 4.19 -8.78
CA THR B 996 -4.77 3.58 -9.25
C THR B 996 -4.52 2.41 -10.20
N ALA B 997 -3.32 2.33 -10.77
CA ALA B 997 -2.97 1.16 -11.57
C ALA B 997 -2.94 -0.09 -10.71
N VAL B 998 -2.57 0.03 -9.44
CA VAL B 998 -2.61 -1.13 -8.55
C VAL B 998 -4.03 -1.63 -8.42
N ALA B 999 -4.99 -0.72 -8.28
CA ALA B 999 -6.39 -1.12 -8.20
C ALA B 999 -6.87 -1.74 -9.50
N LEU B 1000 -6.47 -1.17 -10.63
CA LEU B 1000 -6.86 -1.75 -11.92
C LEU B 1000 -6.28 -3.14 -12.10
N ALA B 1001 -5.02 -3.34 -11.70
CA ALA B 1001 -4.33 -4.62 -11.85
C ALA B 1001 -4.72 -5.62 -10.78
N SER B 1002 -5.41 -5.19 -9.72
CA SER B 1002 -5.93 -6.15 -8.77
C SER B 1002 -6.83 -7.16 -9.44
N GLY B 1003 -7.70 -6.69 -10.33
CA GLY B 1003 -8.62 -7.57 -11.00
C GLY B 1003 -7.94 -8.51 -11.97
N ASN B 1004 -7.35 -7.94 -13.02
CA ASN B 1004 -6.65 -8.70 -14.06
C ASN B 1004 -5.16 -8.39 -13.94
N VAL B 1005 -4.45 -9.22 -13.16
CA VAL B 1005 -3.03 -8.98 -12.95
C VAL B 1005 -2.23 -9.25 -14.21
N LYS B 1006 -2.53 -10.35 -14.90
CA LYS B 1006 -1.76 -10.74 -16.06
C LYS B 1006 -1.87 -9.71 -17.17
N LEU B 1007 -3.08 -9.27 -17.48
CA LEU B 1007 -3.29 -8.39 -18.63
C LEU B 1007 -2.64 -7.03 -18.41
N VAL B 1008 -2.91 -6.39 -17.27
CA VAL B 1008 -2.34 -5.07 -17.00
C VAL B 1008 -0.84 -5.16 -16.85
N SER B 1009 -0.34 -6.21 -16.20
CA SER B 1009 1.10 -6.37 -16.06
C SER B 1009 1.77 -6.50 -17.41
N SER B 1010 1.20 -7.34 -18.28
CA SER B 1010 1.76 -7.53 -19.62
C SER B 1010 1.72 -6.24 -20.41
N LYS B 1011 0.62 -5.49 -20.30
CA LYS B 1011 0.51 -4.24 -21.04
C LYS B 1011 1.58 -3.26 -20.60
N VAL B 1012 1.77 -3.09 -19.30
CA VAL B 1012 2.74 -2.12 -18.82
C VAL B 1012 4.16 -2.53 -19.20
N ILE B 1013 4.51 -3.81 -19.02
CA ILE B 1013 5.85 -4.26 -19.35
C ILE B 1013 6.10 -4.13 -20.84
N GLY B 1014 5.13 -4.53 -21.67
CA GLY B 1014 5.30 -4.45 -23.09
C GLY B 1014 5.45 -3.03 -23.58
N ARG B 1015 4.67 -2.10 -23.02
CA ARG B 1015 4.79 -0.70 -23.42
C ARG B 1015 6.14 -0.13 -23.04
N MET B 1016 6.64 -0.45 -21.85
CA MET B 1016 7.97 0.05 -21.48
C MET B 1016 9.06 -0.54 -22.37
N CYS B 1017 8.99 -1.84 -22.66
CA CYS B 1017 9.98 -2.45 -23.54
C CYS B 1017 9.90 -1.85 -24.95
N LYS B 1018 8.68 -1.60 -25.43
CA LYS B 1018 8.52 -1.01 -26.76
C LYS B 1018 9.10 0.40 -26.80
N ILE B 1019 8.88 1.20 -25.76
CA ILE B 1019 9.45 2.54 -25.73
C ILE B 1019 10.96 2.46 -25.72
N ILE B 1020 11.52 1.55 -24.91
CA ILE B 1020 12.98 1.43 -24.84
C ILE B 1020 13.55 1.05 -26.19
N ASP B 1021 12.90 0.10 -26.88
CA ASP B 1021 13.39 -0.31 -28.20
C ASP B 1021 13.26 0.84 -29.21
N LYS B 1022 12.11 1.49 -29.24
CA LYS B 1022 11.91 2.58 -30.19
C LYS B 1022 12.80 3.78 -29.88
N THR B 1023 13.44 3.80 -28.71
CA THR B 1023 14.44 4.83 -28.47
C THR B 1023 15.62 4.73 -29.43
N CYS B 1024 15.78 3.61 -30.12
CA CYS B 1024 16.92 3.38 -31.00
C CYS B 1024 16.72 3.96 -32.39
N LEU B 1025 15.73 4.85 -32.58
CA LEU B 1025 15.52 5.50 -33.86
C LEU B 1025 16.06 6.93 -33.91
N SER B 1026 16.11 7.62 -32.78
CA SER B 1026 16.65 8.98 -32.70
C SER B 1026 17.67 9.01 -31.56
N PRO B 1027 18.87 8.48 -31.79
CA PRO B 1027 19.83 8.33 -30.70
C PRO B 1027 20.24 9.68 -30.10
N THR B 1028 20.43 9.69 -28.79
CA THR B 1028 20.90 10.82 -28.03
C THR B 1028 21.97 10.31 -27.06
N PRO B 1029 22.86 11.19 -26.59
CA PRO B 1029 24.03 10.69 -25.84
C PRO B 1029 23.67 9.88 -24.61
N THR B 1030 22.59 10.22 -23.91
CA THR B 1030 22.14 9.49 -22.73
C THR B 1030 20.62 9.42 -22.72
N LEU B 1031 20.09 8.49 -21.94
CA LEU B 1031 18.64 8.31 -21.88
C LEU B 1031 17.95 9.53 -21.29
N GLU B 1032 18.54 10.14 -20.27
CA GLU B 1032 17.94 11.31 -19.65
C GLU B 1032 17.87 12.50 -20.59
N GLN B 1033 18.58 12.46 -21.72
CA GLN B 1033 18.48 13.50 -22.75
C GLN B 1033 17.54 13.14 -23.88
N HIS B 1034 16.99 11.93 -23.89
CA HIS B 1034 16.13 11.49 -24.97
C HIS B 1034 14.77 12.19 -24.91
N LEU B 1035 14.03 12.09 -26.01
CA LEU B 1035 12.69 12.66 -26.03
C LEU B 1035 11.69 11.78 -25.29
N MET B 1036 11.88 10.47 -25.32
CA MET B 1036 10.97 9.52 -24.70
C MET B 1036 11.31 9.26 -23.23
N TRP B 1037 12.16 10.09 -22.64
CA TRP B 1037 12.54 9.88 -21.24
C TRP B 1037 11.35 10.08 -20.31
N ASP B 1038 10.48 11.05 -20.61
CA ASP B 1038 9.31 11.25 -19.78
C ASP B 1038 8.42 10.02 -19.80
N ASP B 1039 8.24 9.41 -20.97
CA ASP B 1039 7.47 8.19 -21.06
C ASP B 1039 8.11 7.07 -20.27
N ILE B 1040 9.44 6.95 -20.35
CA ILE B 1040 10.14 5.88 -19.63
C ILE B 1040 9.98 6.06 -18.13
N ALA B 1041 10.15 7.28 -17.65
CA ALA B 1041 10.03 7.55 -16.22
C ALA B 1041 8.61 7.32 -15.75
N ILE B 1042 7.61 7.73 -16.52
CA ILE B 1042 6.23 7.53 -16.13
C ILE B 1042 5.91 6.04 -16.03
N LEU B 1043 6.35 5.27 -17.01
CA LEU B 1043 6.03 3.85 -16.99
C LEU B 1043 6.83 3.06 -15.96
N ALA B 1044 7.98 3.58 -15.50
CA ALA B 1044 8.75 2.86 -14.49
C ALA B 1044 8.02 2.79 -13.15
N ARG B 1045 7.42 3.90 -12.72
CA ARG B 1045 6.70 3.90 -11.45
C ARG B 1045 5.49 2.98 -11.47
N TYR B 1046 4.92 2.73 -12.65
CA TYR B 1046 3.85 1.76 -12.74
C TYR B 1046 4.34 0.39 -12.31
N MET B 1047 5.51 -0.02 -12.78
CA MET B 1047 6.10 -1.27 -12.33
C MET B 1047 6.47 -1.23 -10.87
N LEU B 1048 6.94 -0.08 -10.38
CA LEU B 1048 7.26 0.00 -8.94
C LEU B 1048 6.03 -0.28 -8.10
N MET B 1049 4.90 0.32 -8.45
CA MET B 1049 3.68 0.13 -7.65
C MET B 1049 3.07 -1.24 -7.89
N LEU B 1050 3.27 -1.83 -9.06
CA LEU B 1050 2.68 -3.14 -9.33
C LEU B 1050 3.58 -4.29 -8.92
N SER B 1051 4.83 -4.02 -8.52
CA SER B 1051 5.74 -5.09 -8.14
C SER B 1051 5.29 -5.78 -6.85
N PHE B 1052 4.77 -5.02 -5.89
CA PHE B 1052 4.44 -5.57 -4.58
C PHE B 1052 3.36 -6.65 -4.71
N ASN B 1053 3.50 -7.69 -3.90
CA ASN B 1053 2.49 -8.75 -3.79
C ASN B 1053 2.28 -9.48 -5.11
N ASN B 1054 3.31 -9.52 -5.96
CA ASN B 1054 3.30 -10.30 -7.19
C ASN B 1054 2.14 -9.91 -8.10
N SER B 1055 1.94 -8.60 -8.26
CA SER B 1055 0.97 -8.09 -9.21
C SER B 1055 1.57 -7.89 -10.59
N LEU B 1056 2.83 -8.29 -10.79
CA LEU B 1056 3.44 -8.32 -12.10
C LEU B 1056 3.55 -9.72 -12.69
N ASP B 1057 3.15 -10.76 -11.96
CA ASP B 1057 3.30 -12.13 -12.42
C ASP B 1057 4.74 -12.40 -12.83
N VAL B 1058 5.65 -12.38 -11.86
CA VAL B 1058 7.08 -12.50 -12.15
C VAL B 1058 7.37 -13.82 -12.86
N ALA B 1059 6.68 -14.90 -12.48
CA ALA B 1059 6.93 -16.23 -13.02
C ALA B 1059 6.71 -16.30 -14.53
N ALA B 1060 6.28 -15.21 -15.13
CA ALA B 1060 6.13 -15.14 -16.57
C ALA B 1060 6.83 -13.95 -17.21
N HIS B 1061 7.09 -12.88 -16.47
CA HIS B 1061 7.70 -11.67 -17.01
C HIS B 1061 9.07 -11.39 -16.39
N LEU B 1062 9.71 -12.41 -15.80
CA LEU B 1062 11.00 -12.16 -15.15
C LEU B 1062 12.05 -11.66 -16.11
N PRO B 1063 12.24 -12.24 -17.30
CA PRO B 1063 13.29 -11.74 -18.21
C PRO B 1063 13.12 -10.28 -18.58
N TYR B 1064 11.89 -9.83 -18.84
CA TYR B 1064 11.69 -8.43 -19.22
C TYR B 1064 11.94 -7.51 -18.04
N LEU B 1065 11.58 -7.94 -16.84
CA LEU B 1065 11.87 -7.14 -15.65
C LEU B 1065 13.36 -6.98 -15.46
N PHE B 1066 14.12 -8.07 -15.64
CA PHE B 1066 15.57 -7.99 -15.52
C PHE B 1066 16.16 -7.11 -16.61
N HIS B 1067 15.64 -7.21 -17.83
CA HIS B 1067 16.09 -6.36 -18.93
C HIS B 1067 15.88 -4.88 -18.61
N VAL B 1068 14.68 -4.53 -18.14
CA VAL B 1068 14.39 -3.14 -17.82
C VAL B 1068 15.28 -2.66 -16.68
N VAL B 1069 15.46 -3.50 -15.65
CA VAL B 1069 16.28 -3.09 -14.51
C VAL B 1069 17.72 -2.85 -14.97
N THR B 1070 18.25 -3.76 -15.80
CA THR B 1070 19.60 -3.61 -16.31
C THR B 1070 19.74 -2.32 -17.10
N PHE B 1071 18.71 -1.92 -17.83
CA PHE B 1071 18.79 -0.64 -18.53
C PHE B 1071 18.50 0.56 -17.65
N LEU B 1072 17.97 0.35 -16.45
CA LEU B 1072 17.57 1.45 -15.59
C LEU B 1072 18.49 1.66 -14.41
N VAL B 1073 19.38 0.70 -14.12
CA VAL B 1073 20.15 0.74 -12.89
C VAL B 1073 20.96 2.03 -12.82
N ALA B 1074 20.77 2.78 -11.74
CA ALA B 1074 21.49 4.02 -11.49
C ALA B 1074 21.33 5.02 -12.63
N THR B 1075 20.11 5.15 -13.14
CA THR B 1075 19.79 6.14 -14.16
C THR B 1075 18.71 7.07 -13.63
N GLY B 1076 18.81 8.35 -14.03
CA GLY B 1076 17.80 9.32 -13.68
C GLY B 1076 17.98 9.91 -12.30
N PRO B 1077 16.96 10.60 -11.80
CA PRO B 1077 17.07 11.27 -10.51
C PRO B 1077 17.11 10.26 -9.37
N LEU B 1078 17.42 10.78 -8.16
CA LEU B 1078 17.56 9.91 -7.00
C LEU B 1078 16.26 9.18 -6.69
N SER B 1079 15.12 9.82 -6.95
CA SER B 1079 13.84 9.14 -6.74
C SER B 1079 13.73 7.92 -7.65
N LEU B 1080 14.14 8.06 -8.92
CA LEU B 1080 14.07 6.92 -9.82
C LEU B 1080 15.12 5.85 -9.49
N ARG B 1081 16.28 6.26 -8.99
CA ARG B 1081 17.26 5.27 -8.55
C ARG B 1081 16.71 4.45 -7.38
N ALA B 1082 16.09 5.13 -6.42
CA ALA B 1082 15.47 4.42 -5.31
C ALA B 1082 14.33 3.54 -5.79
N SER B 1083 13.57 4.01 -6.77
CA SER B 1083 12.49 3.20 -7.34
C SER B 1083 13.03 1.93 -7.98
N THR B 1084 14.17 2.03 -8.67
CA THR B 1084 14.79 0.85 -9.27
C THR B 1084 15.24 -0.14 -8.18
N HIS B 1085 15.86 0.37 -7.11
CA HIS B 1085 16.26 -0.51 -6.02
C HIS B 1085 15.05 -1.23 -5.44
N GLY B 1086 13.99 -0.47 -5.13
CA GLY B 1086 12.80 -1.07 -4.59
C GLY B 1086 12.14 -2.05 -5.54
N LEU B 1087 12.22 -1.78 -6.84
CA LEU B 1087 11.66 -2.70 -7.81
C LEU B 1087 12.39 -4.03 -7.79
N VAL B 1088 13.73 -3.99 -7.71
CA VAL B 1088 14.49 -5.23 -7.64
C VAL B 1088 14.16 -5.99 -6.35
N ILE B 1089 14.09 -5.28 -5.23
CA ILE B 1089 13.80 -5.93 -3.95
C ILE B 1089 12.42 -6.57 -3.99
N ASN B 1090 11.43 -5.86 -4.56
CA ASN B 1090 10.07 -6.38 -4.61
C ASN B 1090 9.94 -7.53 -5.60
N ILE B 1091 10.68 -7.49 -6.71
CA ILE B 1091 10.64 -8.60 -7.65
C ILE B 1091 11.20 -9.85 -7.00
N ILE B 1092 12.32 -9.71 -6.28
CA ILE B 1092 12.88 -10.86 -5.58
C ILE B 1092 11.91 -11.38 -4.53
N HIS B 1093 11.27 -10.47 -3.79
CA HIS B 1093 10.31 -10.88 -2.76
C HIS B 1093 9.15 -11.65 -3.38
N SER B 1094 8.60 -11.14 -4.48
CA SER B 1094 7.49 -11.81 -5.14
C SER B 1094 7.91 -13.18 -5.66
N LEU B 1095 9.12 -13.28 -6.22
CA LEU B 1095 9.61 -14.58 -6.65
C LEU B 1095 9.73 -15.54 -5.47
N CYS B 1096 10.11 -15.02 -4.31
CA CYS B 1096 10.26 -15.87 -3.12
C CYS B 1096 8.94 -16.22 -2.46
N THR B 1097 7.86 -15.49 -2.76
CA THR B 1097 6.58 -15.72 -2.09
C THR B 1097 5.46 -16.03 -3.07
N CYS B 1098 5.80 -16.45 -4.27
CA CYS B 1098 4.80 -16.83 -5.27
C CYS B 1098 4.50 -18.31 -5.13
N SER B 1099 3.21 -18.66 -5.23
CA SER B 1099 2.77 -20.03 -5.12
C SER B 1099 2.68 -20.75 -6.45
N GLN B 1100 2.92 -20.05 -7.56
CA GLN B 1100 2.84 -20.68 -8.88
C GLN B 1100 4.13 -21.39 -9.25
N LEU B 1101 5.17 -21.29 -8.43
CA LEU B 1101 6.45 -21.95 -8.69
C LEU B 1101 6.89 -22.62 -7.39
N HIS B 1102 6.73 -23.93 -7.33
CA HIS B 1102 7.12 -24.69 -6.15
C HIS B 1102 8.63 -24.84 -6.11
N PHE B 1103 9.23 -24.50 -4.97
CA PHE B 1103 10.68 -24.46 -4.83
C PHE B 1103 11.13 -25.42 -3.73
N SER B 1104 12.31 -26.01 -3.93
CA SER B 1104 12.93 -26.80 -2.89
C SER B 1104 13.45 -25.89 -1.79
N GLU B 1105 13.89 -26.51 -0.70
CA GLU B 1105 14.36 -25.73 0.45
C GLU B 1105 15.56 -24.89 0.07
N GLU B 1106 16.52 -25.47 -0.66
CA GLU B 1106 17.76 -24.76 -0.97
C GLU B 1106 17.51 -23.56 -1.86
N THR B 1107 16.59 -23.68 -2.83
CA THR B 1107 16.32 -22.58 -3.73
C THR B 1107 15.71 -21.40 -2.97
N LYS B 1108 14.72 -21.66 -2.13
CA LYS B 1108 14.13 -20.60 -1.33
C LYS B 1108 15.14 -20.01 -0.35
N GLN B 1109 16.03 -20.83 0.20
CA GLN B 1109 17.08 -20.31 1.07
C GLN B 1109 18.00 -19.36 0.32
N VAL B 1110 18.35 -19.72 -0.92
CA VAL B 1110 19.18 -18.84 -1.74
C VAL B 1110 18.45 -17.53 -2.00
N LEU B 1111 17.14 -17.60 -2.28
CA LEU B 1111 16.38 -16.38 -2.54
C LEU B 1111 16.31 -15.49 -1.31
N ARG B 1112 16.06 -16.08 -0.13
CA ARG B 1112 15.99 -15.30 1.09
C ARG B 1112 17.35 -14.66 1.40
N LEU B 1113 18.44 -15.41 1.17
CA LEU B 1113 19.76 -14.84 1.34
C LEU B 1113 20.00 -13.69 0.36
N SER B 1114 19.49 -13.82 -0.87
CA SER B 1114 19.64 -12.74 -1.84
C SER B 1114 18.91 -11.49 -1.38
N LEU B 1115 17.68 -11.65 -0.87
CA LEU B 1115 16.95 -10.49 -0.36
C LEU B 1115 17.68 -9.89 0.83
N THR B 1116 18.28 -10.72 1.68
CA THR B 1116 19.06 -10.21 2.80
C THR B 1116 20.27 -9.43 2.31
N GLU B 1117 20.93 -9.91 1.25
CA GLU B 1117 22.15 -9.27 0.78
C GLU B 1117 21.85 -7.98 0.01
N PHE B 1118 20.71 -7.92 -0.67
CA PHE B 1118 20.39 -6.76 -1.49
C PHE B 1118 20.15 -5.50 -0.67
N SER B 1119 19.97 -5.62 0.64
CA SER B 1119 19.80 -4.46 1.50
C SER B 1119 21.09 -4.03 2.17
N LEU B 1120 22.21 -4.72 1.92
CA LEU B 1120 23.46 -4.40 2.57
C LEU B 1120 24.00 -3.08 2.04
N PRO B 1121 24.92 -2.45 2.77
CA PRO B 1121 25.40 -1.13 2.37
C PRO B 1121 26.12 -1.11 1.02
N LYS B 1122 26.62 -2.24 0.54
CA LYS B 1122 27.35 -2.24 -0.72
C LYS B 1122 26.42 -2.00 -1.90
N PHE B 1123 25.30 -2.72 -1.96
CA PHE B 1123 24.40 -2.60 -3.09
C PHE B 1123 23.72 -1.25 -3.16
N TYR B 1124 23.61 -0.54 -2.04
CA TYR B 1124 23.09 0.81 -2.09
C TYR B 1124 24.01 1.71 -2.89
N LEU B 1125 25.32 1.54 -2.74
CA LEU B 1125 26.28 2.28 -3.56
C LEU B 1125 26.29 1.76 -4.99
N LEU B 1126 26.12 0.46 -5.17
CA LEU B 1126 26.07 -0.08 -6.53
C LEU B 1126 24.87 0.40 -7.32
N PHE B 1127 23.74 0.67 -6.67
CA PHE B 1127 22.57 1.23 -7.32
C PHE B 1127 22.63 2.74 -7.43
N GLY B 1128 23.62 3.39 -6.83
CA GLY B 1128 23.70 4.82 -6.82
C GLY B 1128 22.87 5.48 -5.75
N ILE B 1129 22.01 4.73 -5.06
CA ILE B 1129 21.22 5.27 -3.96
C ILE B 1129 22.04 4.98 -2.70
N SER B 1130 23.03 5.84 -2.45
CA SER B 1130 23.84 5.77 -1.24
C SER B 1130 23.62 7.06 -0.45
N LYS B 1131 23.99 7.01 0.83
CA LYS B 1131 23.71 8.08 1.77
C LYS B 1131 22.21 8.34 1.87
N VAL B 1132 21.43 7.26 1.85
CA VAL B 1132 20.00 7.29 2.12
C VAL B 1132 19.71 6.25 3.18
N LYS B 1133 18.97 6.66 4.21
CA LYS B 1133 18.69 5.74 5.32
C LYS B 1133 17.90 4.53 4.84
N SER B 1134 16.81 4.76 4.11
CA SER B 1134 15.99 3.69 3.55
C SER B 1134 15.54 4.10 2.15
N ALA B 1135 15.52 3.13 1.24
CA ALA B 1135 15.12 3.42 -0.13
C ALA B 1135 13.63 3.75 -0.23
N ALA B 1136 12.80 3.03 0.52
CA ALA B 1136 11.36 3.22 0.41
C ALA B 1136 10.94 4.62 0.87
N VAL B 1137 11.56 5.13 1.93
CA VAL B 1137 11.18 6.44 2.46
C VAL B 1137 11.45 7.53 1.44
N ILE B 1138 12.62 7.50 0.78
CA ILE B 1138 12.93 8.48 -0.22
C ILE B 1138 12.09 8.28 -1.47
N ALA B 1139 11.86 7.01 -1.84
CA ALA B 1139 11.23 6.70 -3.13
C ALA B 1139 9.80 7.20 -3.18
N PHE B 1140 8.99 6.90 -2.16
CA PHE B 1140 7.59 7.29 -2.15
C PHE B 1140 7.47 8.77 -1.79
N ARG B 1141 8.06 9.59 -2.64
CA ARG B 1141 8.05 11.04 -2.49
C ARG B 1141 8.35 11.65 -3.86
N SER B 1142 8.11 12.94 -3.97
CA SER B 1142 8.41 13.65 -5.22
C SER B 1142 9.14 14.95 -4.93
N GLU B 1157 25.21 11.24 -9.83
CA GLU B 1157 26.48 10.55 -9.62
C GLU B 1157 26.86 9.73 -10.85
N THR B 1158 28.14 9.77 -11.21
CA THR B 1158 28.63 9.02 -12.35
C THR B 1158 28.49 7.53 -12.11
N PHE B 1159 28.17 6.79 -13.16
CA PHE B 1159 27.93 5.35 -13.09
C PHE B 1159 28.97 4.62 -13.92
N ALA B 1160 29.56 3.58 -13.33
CA ALA B 1160 30.63 2.82 -13.96
C ALA B 1160 30.16 1.43 -14.33
N LEU B 1161 30.67 0.91 -15.44
CA LEU B 1161 30.26 -0.39 -15.94
C LEU B 1161 30.65 -1.53 -15.03
N THR B 1162 31.65 -1.33 -14.16
CA THR B 1162 31.98 -2.38 -13.19
C THR B 1162 30.82 -2.62 -12.24
N SER B 1163 30.16 -1.55 -11.80
CA SER B 1163 29.00 -1.70 -10.94
C SER B 1163 27.89 -2.44 -11.65
N LEU B 1164 27.64 -2.12 -12.92
CA LEU B 1164 26.61 -2.82 -13.66
C LEU B 1164 26.96 -4.30 -13.82
N GLU B 1165 28.25 -4.59 -14.02
CA GLU B 1165 28.67 -5.98 -14.12
C GLU B 1165 28.39 -6.72 -12.82
N THR B 1166 28.68 -6.09 -11.68
CA THR B 1166 28.40 -6.73 -10.39
C THR B 1166 26.91 -6.96 -10.20
N VAL B 1167 26.10 -5.96 -10.52
CA VAL B 1167 24.65 -6.07 -10.33
C VAL B 1167 24.07 -7.16 -11.23
N THR B 1168 24.51 -7.19 -12.49
CA THR B 1168 24.02 -8.20 -13.42
C THR B 1168 24.46 -9.60 -13.00
N GLU B 1169 25.69 -9.73 -12.48
CA GLU B 1169 26.13 -11.02 -11.97
C GLU B 1169 25.26 -11.47 -10.80
N ALA B 1170 24.93 -10.55 -9.90
CA ALA B 1170 24.08 -10.92 -8.77
C ALA B 1170 22.70 -11.38 -9.24
N LEU B 1171 22.11 -10.62 -10.17
CA LEU B 1171 20.79 -10.98 -10.68
C LEU B 1171 20.82 -12.30 -11.42
N LEU B 1172 21.90 -12.56 -12.18
CA LEU B 1172 22.03 -13.84 -12.86
C LEU B 1172 22.18 -14.98 -11.86
N GLU B 1173 22.86 -14.72 -10.76
CA GLU B 1173 22.95 -15.73 -9.71
C GLU B 1173 21.57 -16.07 -9.18
N ILE B 1174 20.75 -15.05 -8.90
CA ILE B 1174 19.40 -15.30 -8.40
C ILE B 1174 18.57 -16.05 -9.44
N MET B 1175 18.68 -15.64 -10.70
CA MET B 1175 17.89 -16.24 -11.78
C MET B 1175 18.26 -17.70 -12.00
N GLU B 1176 19.56 -18.01 -12.02
CA GLU B 1176 19.99 -19.39 -12.19
C GLU B 1176 19.68 -20.23 -10.96
N ALA B 1177 19.71 -19.63 -9.77
CA ALA B 1177 19.27 -20.33 -8.57
C ALA B 1177 17.80 -20.72 -8.68
N CYS B 1178 16.98 -19.81 -9.20
CA CYS B 1178 15.58 -20.15 -9.42
C CYS B 1178 15.43 -21.24 -10.48
N MET B 1179 16.24 -21.18 -11.53
CA MET B 1179 16.02 -22.07 -12.67
C MET B 1179 16.36 -23.53 -12.37
N ARG B 1180 17.00 -23.83 -11.25
CA ARG B 1180 17.30 -25.22 -10.94
C ARG B 1180 16.04 -26.03 -10.62
N ASP B 1181 14.90 -25.38 -10.45
CA ASP B 1181 13.66 -26.07 -10.14
C ASP B 1181 12.65 -26.10 -11.28
N ILE B 1182 12.64 -25.09 -12.14
CA ILE B 1182 11.68 -25.03 -13.24
C ILE B 1182 12.27 -25.74 -14.44
N PRO B 1183 11.89 -26.99 -14.70
CA PRO B 1183 12.61 -27.79 -15.70
C PRO B 1183 12.58 -27.22 -17.11
N THR B 1184 11.47 -26.62 -17.52
CA THR B 1184 11.31 -26.15 -18.89
C THR B 1184 11.57 -24.67 -19.05
N CYS B 1185 12.18 -24.02 -18.04
CA CYS B 1185 12.35 -22.57 -18.08
C CYS B 1185 13.28 -22.16 -19.22
N LYS B 1186 12.83 -21.16 -19.98
CA LYS B 1186 13.60 -20.59 -21.08
C LYS B 1186 13.89 -19.13 -20.81
N TRP B 1187 14.16 -18.81 -19.54
CA TRP B 1187 14.36 -17.42 -19.15
C TRP B 1187 15.70 -16.87 -19.64
N LEU B 1188 16.78 -17.65 -19.47
CA LEU B 1188 18.08 -17.19 -19.98
C LEU B 1188 18.07 -17.03 -21.49
N ASP B 1189 17.37 -17.90 -22.21
CA ASP B 1189 17.26 -17.72 -23.65
C ASP B 1189 16.60 -16.38 -23.97
N GLN B 1190 15.53 -16.04 -23.26
CA GLN B 1190 14.83 -14.79 -23.53
C GLN B 1190 15.69 -13.59 -23.20
N TRP B 1191 16.34 -13.59 -22.03
CA TRP B 1191 17.19 -12.47 -21.67
C TRP B 1191 18.38 -12.34 -22.61
N THR B 1192 18.97 -13.47 -23.01
CA THR B 1192 20.09 -13.42 -23.95
C THR B 1192 19.65 -12.85 -25.28
N GLU B 1193 18.45 -13.22 -25.74
CA GLU B 1193 17.93 -12.67 -26.99
C GLU B 1193 17.74 -11.16 -26.88
N LEU B 1194 17.09 -10.72 -25.81
CA LEU B 1194 16.82 -9.30 -25.65
C LEU B 1194 18.07 -8.50 -25.35
N ALA B 1195 19.15 -9.15 -24.93
CA ALA B 1195 20.42 -8.44 -24.75
C ALA B 1195 21.21 -8.37 -26.06
N GLN B 1196 21.31 -9.48 -26.77
CA GLN B 1196 21.99 -9.49 -28.06
C GLN B 1196 21.28 -8.62 -29.08
N ARG B 1197 19.97 -8.39 -28.92
CA ARG B 1197 19.28 -7.48 -29.81
C ARG B 1197 19.82 -6.06 -29.70
N PHE B 1198 20.05 -5.60 -28.46
CA PHE B 1198 20.57 -4.26 -28.24
C PHE B 1198 22.09 -4.20 -28.23
N ALA B 1199 22.76 -5.35 -28.26
CA ALA B 1199 24.22 -5.36 -28.22
C ALA B 1199 24.85 -4.96 -29.55
N PHE B 1200 24.30 -5.44 -30.66
CA PHE B 1200 24.91 -5.28 -31.97
C PHE B 1200 24.22 -4.22 -32.82
N GLN B 1201 23.27 -3.48 -32.26
CA GLN B 1201 22.66 -2.34 -32.94
C GLN B 1201 23.12 -1.05 -32.28
N TYR B 1202 23.48 -0.08 -33.11
CA TYR B 1202 24.08 1.15 -32.61
C TYR B 1202 23.09 1.94 -31.76
N ASN B 1203 23.61 2.54 -30.69
CA ASN B 1203 22.89 3.46 -29.84
C ASN B 1203 23.89 4.17 -28.96
N PRO B 1204 23.64 5.42 -28.57
CA PRO B 1204 24.64 6.13 -27.76
C PRO B 1204 24.59 5.76 -26.29
N SER B 1205 23.41 5.40 -25.78
CA SER B 1205 23.23 5.14 -24.34
C SER B 1205 22.95 3.69 -24.02
N LEU B 1206 22.19 2.99 -24.86
CA LEU B 1206 21.83 1.61 -24.55
C LEU B 1206 22.94 0.63 -24.90
N GLN B 1207 23.84 0.98 -25.82
CA GLN B 1207 24.85 0.01 -26.24
C GLN B 1207 25.94 -0.21 -25.21
N PRO B 1208 26.50 0.82 -24.57
CA PRO B 1208 27.53 0.56 -23.56
C PRO B 1208 27.03 -0.36 -22.45
N ARG B 1209 25.79 -0.18 -22.01
CA ARG B 1209 25.21 -1.08 -21.01
C ARG B 1209 24.94 -2.46 -21.60
N ALA B 1210 24.40 -2.49 -22.82
CA ALA B 1210 23.93 -3.75 -23.39
C ALA B 1210 25.09 -4.70 -23.66
N LEU B 1211 26.23 -4.16 -24.10
CA LEU B 1211 27.37 -5.03 -24.37
C LEU B 1211 27.83 -5.74 -23.10
N VAL B 1212 27.95 -5.00 -22.00
CA VAL B 1212 28.37 -5.59 -20.73
C VAL B 1212 27.35 -6.61 -20.26
N VAL B 1213 26.05 -6.28 -20.36
CA VAL B 1213 25.03 -7.21 -19.91
C VAL B 1213 25.07 -8.49 -20.75
N PHE B 1214 25.29 -8.34 -22.06
CA PHE B 1214 25.37 -9.49 -22.96
C PHE B 1214 26.56 -10.36 -22.60
N GLY B 1215 27.71 -9.75 -22.37
CA GLY B 1215 28.88 -10.52 -21.97
C GLY B 1215 28.66 -11.26 -20.67
N CYS B 1216 28.02 -10.59 -19.70
CA CYS B 1216 27.85 -11.19 -18.39
C CYS B 1216 26.80 -12.29 -18.40
N ILE B 1217 25.83 -12.21 -19.32
CA ILE B 1217 24.69 -13.12 -19.28
C ILE B 1217 24.85 -14.27 -20.27
N SER B 1218 25.68 -14.08 -21.30
CA SER B 1218 25.72 -15.03 -22.40
C SER B 1218 26.29 -16.37 -21.95
N LYS B 1219 25.81 -17.44 -22.59
CA LYS B 1219 26.26 -18.79 -22.30
C LYS B 1219 26.99 -19.45 -23.46
N ARG B 1220 26.96 -18.87 -24.66
CA ARG B 1220 27.61 -19.48 -25.81
C ARG B 1220 27.85 -18.38 -26.84
N VAL B 1221 29.11 -18.01 -27.04
CA VAL B 1221 29.48 -16.99 -28.01
C VAL B 1221 29.94 -17.66 -29.28
N SER B 1222 29.84 -16.94 -30.39
CA SER B 1222 30.30 -17.43 -31.69
C SER B 1222 31.13 -16.35 -32.36
N HIS B 1223 31.84 -16.75 -33.41
CA HIS B 1223 32.83 -15.87 -34.03
C HIS B 1223 32.21 -14.60 -34.59
N GLY B 1224 30.95 -14.66 -35.02
CA GLY B 1224 30.28 -13.44 -35.47
C GLY B 1224 30.16 -12.42 -34.37
N GLN B 1225 29.80 -12.86 -33.16
CA GLN B 1225 29.74 -11.96 -32.03
C GLN B 1225 31.11 -11.35 -31.74
N ILE B 1226 32.15 -12.16 -31.77
CA ILE B 1226 33.50 -11.66 -31.46
C ILE B 1226 33.92 -10.63 -32.49
N LYS B 1227 33.66 -10.91 -33.77
CA LYS B 1227 34.02 -9.97 -34.82
C LYS B 1227 33.24 -8.67 -34.68
N GLN B 1228 31.94 -8.76 -34.36
CA GLN B 1228 31.15 -7.55 -34.18
C GLN B 1228 31.66 -6.74 -33.01
N ILE B 1229 32.07 -7.41 -31.93
CA ILE B 1229 32.59 -6.69 -30.76
C ILE B 1229 33.89 -5.98 -31.13
N ILE B 1230 34.79 -6.67 -31.82
CA ILE B 1230 36.07 -6.07 -32.19
C ILE B 1230 35.86 -4.88 -33.13
N ARG B 1231 34.96 -5.03 -34.10
CA ARG B 1231 34.67 -3.93 -35.01
C ARG B 1231 34.02 -2.76 -34.28
N ILE B 1232 33.20 -3.05 -33.26
CA ILE B 1232 32.64 -1.98 -32.43
C ILE B 1232 33.74 -1.23 -31.72
N LEU B 1233 34.73 -1.96 -31.19
CA LEU B 1233 35.89 -1.30 -30.58
C LEU B 1233 36.60 -0.42 -31.58
N SER B 1234 36.82 -0.93 -32.79
CA SER B 1234 37.56 -0.17 -33.80
C SER B 1234 36.81 1.10 -34.19
N LYS B 1235 35.51 0.97 -34.46
CA LYS B 1235 34.72 2.12 -34.86
C LYS B 1235 34.61 3.14 -33.73
N ALA B 1236 34.49 2.67 -32.48
CA ALA B 1236 34.46 3.59 -31.36
C ALA B 1236 35.77 4.34 -31.22
N LEU B 1237 36.90 3.66 -31.41
CA LEU B 1237 38.19 4.33 -31.36
C LEU B 1237 38.29 5.39 -32.45
N GLU B 1238 37.84 5.05 -33.66
CA GLU B 1238 37.88 6.01 -34.75
C GLU B 1238 37.00 7.22 -34.45
N SER B 1239 35.81 6.98 -33.89
CA SER B 1239 34.92 8.10 -33.55
C SER B 1239 35.53 8.98 -32.47
N CYS B 1240 36.14 8.37 -31.45
CA CYS B 1240 36.80 9.17 -30.42
C CYS B 1240 37.93 9.99 -30.99
N LEU B 1241 38.70 9.42 -31.92
CA LEU B 1241 39.78 10.17 -32.56
C LEU B 1241 39.23 11.32 -33.38
N LYS B 1242 38.12 11.11 -34.08
CA LYS B 1242 37.57 12.13 -34.97
C LYS B 1242 36.53 13.01 -34.29
N GLY B 1243 35.46 12.39 -33.79
CA GLY B 1243 34.39 13.14 -33.15
C GLY B 1243 34.79 13.67 -31.79
N PRO B 1244 34.28 14.87 -31.44
CA PRO B 1244 34.65 15.46 -30.15
C PRO B 1244 34.03 14.73 -28.96
N ASP B 1245 33.00 13.91 -29.18
CA ASP B 1245 32.34 13.23 -28.08
C ASP B 1245 33.25 12.15 -27.50
N THR B 1246 34.11 12.55 -26.57
CA THR B 1246 35.09 11.62 -26.00
C THR B 1246 34.46 10.67 -24.99
N TYR B 1247 33.52 11.16 -24.17
CA TYR B 1247 33.01 10.36 -23.06
C TYR B 1247 32.27 9.13 -23.56
N ASN B 1248 31.34 9.30 -24.51
CA ASN B 1248 30.57 8.18 -25.01
C ASN B 1248 31.47 7.15 -25.69
N SER B 1249 32.43 7.62 -26.49
CA SER B 1249 33.32 6.71 -27.18
C SER B 1249 34.19 5.94 -26.20
N GLN B 1250 34.72 6.60 -25.16
CA GLN B 1250 35.52 5.89 -24.18
C GLN B 1250 34.68 4.86 -23.43
N VAL B 1251 33.44 5.22 -23.07
CA VAL B 1251 32.59 4.27 -22.37
C VAL B 1251 32.29 3.07 -23.25
N LEU B 1252 32.11 3.29 -24.55
CA LEU B 1252 31.82 2.16 -25.43
C LEU B 1252 33.05 1.28 -25.62
N ILE B 1253 34.23 1.89 -25.67
CA ILE B 1253 35.46 1.12 -25.75
C ILE B 1253 35.62 0.25 -24.51
N GLU B 1254 35.41 0.84 -23.33
CA GLU B 1254 35.52 0.08 -22.10
C GLU B 1254 34.49 -1.05 -22.07
N ALA B 1255 33.28 -0.77 -22.54
CA ALA B 1255 32.25 -1.79 -22.59
C ALA B 1255 32.66 -2.95 -23.49
N THR B 1256 33.25 -2.64 -24.64
CA THR B 1256 33.69 -3.70 -25.55
C THR B 1256 34.81 -4.52 -24.93
N VAL B 1257 35.75 -3.87 -24.25
CA VAL B 1257 36.84 -4.59 -23.59
C VAL B 1257 36.29 -5.52 -22.50
N ILE B 1258 35.36 -5.02 -21.69
CA ILE B 1258 34.77 -5.84 -20.64
C ILE B 1258 33.97 -6.99 -21.24
N ALA B 1259 33.23 -6.72 -22.32
CA ALA B 1259 32.47 -7.78 -22.97
C ALA B 1259 33.38 -8.87 -23.50
N LEU B 1260 34.53 -8.49 -24.08
CA LEU B 1260 35.48 -9.50 -24.52
C LEU B 1260 36.05 -10.27 -23.33
N THR B 1261 36.34 -9.57 -22.23
CA THR B 1261 36.88 -10.24 -21.06
C THR B 1261 35.93 -11.29 -20.52
N LYS B 1262 34.64 -10.99 -20.49
CA LYS B 1262 33.68 -11.99 -20.02
C LYS B 1262 33.44 -13.09 -21.06
N LEU B 1263 33.28 -12.71 -22.32
CA LEU B 1263 32.87 -13.67 -23.33
C LEU B 1263 33.94 -14.73 -23.57
N GLN B 1264 35.19 -14.32 -23.62
CA GLN B 1264 36.30 -15.25 -23.82
C GLN B 1264 36.61 -16.05 -22.56
#